data_8ZV9
#
_entry.id   8ZV9
#
_cell.length_a   47.060
_cell.length_b   167.490
_cell.length_c   168.580
_cell.angle_alpha   90.00
_cell.angle_beta   90.00
_cell.angle_gamma   90.00
#
_symmetry.space_group_name_H-M   'P 21 21 21'
#
loop_
_entity.id
_entity.type
_entity.pdbx_description
1 polymer 'MHC class I antigen'
2 polymer Beta-2-microglobulin
3 polymer 'Spike protein S1'
4 non-polymer 1,2-ETHANEDIOL
5 water water
#
loop_
_entity_poly.entity_id
_entity_poly.type
_entity_poly.pdbx_seq_one_letter_code
_entity_poly.pdbx_strand_id
1 'polypeptide(L)'
;SVDGSHSMRYFSTSVSRPGRGEPRFIAVGYVDDTQFVRFDSDAASQRMEPRAPWIEQEGPEYWDEETGKVKAHSQTDREN
LRIALRYYNQSEAGSHTLQMMFGCDVGSDGRFLRGYHQYAYDGKDYIALKEDLRSWTAADMAAQITKRKWEAAHVAEQQR
AYLEGTCVDGLRRYLENGKETLQRTDPPKTHMTHHPISDHEATLRCWALGFYPAEITLTWQRDGEDQTQDTELVETRPAG
DGTFQKWAAVVVPSGEEQRYTCHVQHEGLPKPLTLRWEPG
;
A,D,G
2 'polypeptide(L)'
;MIQRTPKIQVYSRHPAENGKSNFLNCYVSGFHPSDIEVDLLKNGERIEKVEHSDLSFSKDWSFYLLYYTEFTPTEKDEYA
CRVNHVTLSQPKIVKWDRDM
;
B,E,H
3 'polypeptide(L)' NYNYLFRLF C,F,I
#
# COMPACT_ATOMS: atom_id res chain seq x y z
N SER A 1 17.25 13.75 -6.33
CA SER A 1 18.10 14.88 -5.99
C SER A 1 19.48 14.41 -5.51
N VAL A 2 20.09 15.16 -4.60
CA VAL A 2 21.41 14.81 -4.08
C VAL A 2 21.38 13.43 -3.43
N ASP A 3 20.28 13.10 -2.77
CA ASP A 3 20.02 11.74 -2.30
C ASP A 3 20.14 10.72 -3.42
N GLY A 4 19.95 11.14 -4.66
CA GLY A 4 19.84 10.22 -5.77
C GLY A 4 18.48 9.60 -5.87
N SER A 5 17.52 10.11 -5.09
CA SER A 5 16.16 9.63 -5.13
C SER A 5 15.45 10.10 -6.38
N HIS A 6 14.52 9.30 -6.85
CA HIS A 6 13.70 9.63 -8.01
C HIS A 6 12.23 9.58 -7.62
N SER A 7 11.42 10.37 -8.32
CA SER A 7 10.00 10.50 -7.90
C SER A 7 9.03 10.40 -9.08
N MET A 8 7.88 9.77 -8.87
CA MET A 8 6.81 9.76 -9.90
C MET A 8 5.63 10.54 -9.32
N ARG A 9 5.09 11.48 -10.07
CA ARG A 9 3.98 12.31 -9.62
C ARG A 9 2.90 12.35 -10.68
N TYR A 10 1.66 12.24 -10.24
CA TYR A 10 0.49 12.44 -11.08
C TYR A 10 -0.31 13.60 -10.49
N PHE A 11 -0.49 14.66 -11.28
CA PHE A 11 -1.23 15.84 -10.89
C PHE A 11 -2.52 15.92 -11.69
N SER A 12 -3.63 16.18 -11.02
CA SER A 12 -4.93 16.28 -11.67
C SER A 12 -5.65 17.54 -11.22
N THR A 13 -6.29 18.22 -12.16
CA THR A 13 -7.09 19.41 -11.89
C THR A 13 -8.47 19.24 -12.50
N SER A 14 -9.50 19.49 -11.71
CA SER A 14 -10.88 19.47 -12.18
C SER A 14 -11.52 20.82 -11.89
N VAL A 15 -12.00 21.48 -12.94
CA VAL A 15 -12.66 22.78 -12.83
C VAL A 15 -14.07 22.64 -13.35
N SER A 16 -15.05 22.90 -12.48
CA SER A 16 -16.44 22.82 -12.87
C SER A 16 -16.78 23.95 -13.83
N ARG A 17 -17.65 23.66 -14.80
CA ARG A 17 -18.05 24.61 -15.82
C ARG A 17 -19.55 24.78 -15.71
N PRO A 18 -20.03 25.56 -14.73
CA PRO A 18 -21.47 25.72 -14.54
C PRO A 18 -22.13 26.34 -15.77
N GLY A 19 -23.19 25.70 -16.24
CA GLY A 19 -23.92 26.21 -17.39
C GLY A 19 -23.22 25.99 -18.72
N ARG A 20 -21.92 25.67 -18.70
CA ARG A 20 -21.17 25.44 -19.93
C ARG A 20 -20.86 23.97 -20.16
N GLY A 21 -21.45 23.07 -19.38
CA GLY A 21 -21.22 21.67 -19.61
C GLY A 21 -20.50 21.00 -18.45
N GLU A 22 -19.96 19.81 -18.70
CA GLU A 22 -19.28 19.07 -17.65
C GLU A 22 -17.93 19.71 -17.31
N PRO A 23 -17.40 19.43 -16.12
CA PRO A 23 -16.15 20.05 -15.70
C PRO A 23 -14.97 19.66 -16.57
N ARG A 24 -14.00 20.57 -16.65
CA ARG A 24 -12.74 20.31 -17.34
C ARG A 24 -11.79 19.53 -16.43
N PHE A 25 -11.21 18.45 -16.96
CA PHE A 25 -10.29 17.59 -16.22
C PHE A 25 -8.97 17.55 -16.95
N ILE A 26 -7.90 17.95 -16.27
CA ILE A 26 -6.55 17.86 -16.81
C ILE A 26 -5.72 17.03 -15.85
N ALA A 27 -5.02 16.03 -16.37
CA ALA A 27 -4.15 15.17 -15.58
C ALA A 27 -2.79 15.12 -16.25
N VAL A 28 -1.74 15.31 -15.47
CA VAL A 28 -0.39 15.33 -16.00
C VAL A 28 0.49 14.39 -15.18
N GLY A 29 1.40 13.71 -15.85
CA GLY A 29 2.30 12.79 -15.17
C GLY A 29 3.76 13.23 -15.33
N TYR A 30 4.49 13.24 -14.23
CA TYR A 30 5.87 13.70 -14.19
C TYR A 30 6.74 12.64 -13.54
N VAL A 31 7.92 12.41 -14.12
CA VAL A 31 9.00 11.69 -13.46
C VAL A 31 10.09 12.72 -13.18
N ASP A 32 10.32 13.01 -11.90
CA ASP A 32 11.21 14.08 -11.46
C ASP A 32 10.71 15.38 -12.07
N ASP A 33 11.48 16.07 -12.91
CA ASP A 33 11.03 17.32 -13.51
C ASP A 33 10.73 17.16 -15.01
N THR A 34 10.46 15.94 -15.46
CA THR A 34 10.18 15.66 -16.85
C THR A 34 8.79 15.04 -16.97
N GLN A 35 7.88 15.75 -17.65
CA GLN A 35 6.55 15.22 -17.92
C GLN A 35 6.61 14.11 -18.94
N PHE A 36 5.76 13.08 -18.74
CA PHE A 36 5.74 11.96 -19.67
C PHE A 36 4.35 11.59 -20.18
N VAL A 37 3.27 11.91 -19.46
CA VAL A 37 1.92 11.65 -19.95
C VAL A 37 1.03 12.85 -19.66
N ARG A 38 -0.12 12.87 -20.31
CA ARG A 38 -1.14 13.88 -20.05
C ARG A 38 -2.49 13.32 -20.44
N PHE A 39 -3.54 13.92 -19.89
CA PHE A 39 -4.91 13.63 -20.30
C PHE A 39 -5.75 14.89 -20.11
N ASP A 40 -6.35 15.37 -21.19
CA ASP A 40 -7.23 16.54 -21.17
C ASP A 40 -8.62 16.12 -21.62
N SER A 41 -9.62 16.34 -20.76
CA SER A 41 -10.99 15.95 -21.08
C SER A 41 -11.52 16.67 -22.33
N ASP A 42 -10.99 17.85 -22.64
CA ASP A 42 -11.42 18.57 -23.83
C ASP A 42 -10.83 18.00 -25.13
N ALA A 43 -9.80 17.17 -25.04
CA ALA A 43 -9.17 16.63 -26.23
C ALA A 43 -10.05 15.57 -26.88
N ALA A 44 -9.88 15.41 -28.20
CA ALA A 44 -10.72 14.50 -28.97
C ALA A 44 -10.37 13.03 -28.78
N SER A 45 -9.09 12.73 -28.53
CA SER A 45 -8.68 11.34 -28.37
C SER A 45 -9.40 10.64 -27.23
N GLN A 46 -9.68 11.36 -26.15
CA GLN A 46 -10.27 10.79 -24.93
C GLN A 46 -9.43 9.63 -24.43
N ARG A 47 -8.11 9.74 -24.55
CA ARG A 47 -7.20 8.69 -24.12
C ARG A 47 -5.90 9.30 -23.64
N MET A 48 -5.23 8.59 -22.72
CA MET A 48 -3.93 9.02 -22.21
C MET A 48 -2.91 9.14 -23.35
N GLU A 49 -2.23 10.29 -23.42
CA GLU A 49 -1.34 10.62 -24.52
C GLU A 49 0.11 10.76 -24.06
N PRO A 50 1.07 10.36 -24.89
CA PRO A 50 2.49 10.49 -24.53
C PRO A 50 3.02 11.90 -24.65
N ARG A 51 4.01 12.21 -23.80
CA ARG A 51 4.67 13.51 -23.85
C ARG A 51 6.19 13.39 -23.67
N ALA A 52 6.74 12.18 -23.62
CA ALA A 52 8.17 11.96 -23.52
C ALA A 52 8.53 10.79 -24.44
N PRO A 53 9.68 10.85 -25.12
CA PRO A 53 9.98 9.82 -26.13
C PRO A 53 10.08 8.42 -25.55
N TRP A 54 10.46 8.28 -24.28
CA TRP A 54 10.70 6.96 -23.70
C TRP A 54 9.44 6.30 -23.17
N ILE A 55 8.31 7.01 -23.12
CA ILE A 55 7.06 6.37 -22.71
C ILE A 55 6.39 5.73 -23.91
N GLU A 56 6.74 6.14 -25.13
CA GLU A 56 6.21 5.48 -26.32
C GLU A 56 6.76 4.07 -26.49
N GLN A 57 7.88 3.74 -25.83
CA GLN A 57 8.42 2.39 -25.87
C GLN A 57 7.59 1.40 -25.07
N GLU A 58 6.53 1.88 -24.41
CA GLU A 58 5.61 1.03 -23.66
C GLU A 58 4.72 0.26 -24.63
N GLY A 59 4.10 -0.80 -24.12
CA GLY A 59 3.25 -1.60 -24.95
C GLY A 59 1.93 -0.93 -25.25
N PRO A 60 1.20 -1.46 -26.24
CA PRO A 60 -0.12 -0.91 -26.56
C PRO A 60 -1.19 -1.24 -25.52
N GLU A 61 -1.02 -2.28 -24.71
CA GLU A 61 -1.96 -2.51 -23.61
C GLU A 61 -1.87 -1.41 -22.56
N TYR A 62 -0.70 -0.81 -22.40
CA TYR A 62 -0.51 0.25 -21.42
C TYR A 62 -1.45 1.42 -21.69
N TRP A 63 -1.47 1.91 -22.94
CA TRP A 63 -2.24 3.10 -23.27
C TRP A 63 -3.74 2.88 -23.09
N ASP A 64 -4.22 1.64 -23.32
CA ASP A 64 -5.62 1.35 -23.09
C ASP A 64 -5.94 1.32 -21.59
N GLU A 65 -5.06 0.69 -20.80
CA GLU A 65 -5.34 0.54 -19.38
C GLU A 65 -5.20 1.87 -18.65
N GLU A 66 -4.15 2.63 -18.97
CA GLU A 66 -3.95 3.94 -18.35
C GLU A 66 -5.11 4.88 -18.66
N THR A 67 -5.63 4.82 -19.90
CA THR A 67 -6.78 5.63 -20.27
C THR A 67 -8.00 5.31 -19.41
N GLY A 68 -8.22 4.03 -19.13
CA GLY A 68 -9.38 3.66 -18.33
C GLY A 68 -9.30 4.15 -16.90
N LYS A 69 -8.07 4.27 -16.36
CA LYS A 69 -7.93 4.69 -14.97
C LYS A 69 -8.06 6.20 -14.82
N VAL A 70 -7.54 6.98 -15.78
CA VAL A 70 -7.62 8.43 -15.67
C VAL A 70 -9.04 8.91 -15.95
N LYS A 71 -9.77 8.20 -16.81
CA LYS A 71 -11.16 8.52 -17.08
C LYS A 71 -12.03 8.24 -15.86
N ALA A 72 -11.74 7.16 -15.14
CA ALA A 72 -12.43 6.89 -13.88
C ALA A 72 -12.20 8.01 -12.87
N HIS A 73 -10.96 8.51 -12.82
CA HIS A 73 -10.64 9.63 -11.93
C HIS A 73 -11.47 10.85 -12.30
N SER A 74 -11.48 11.21 -13.59
CA SER A 74 -12.22 12.37 -14.04
C SER A 74 -13.71 12.25 -13.71
N GLN A 75 -14.28 11.06 -13.89
CA GLN A 75 -15.68 10.87 -13.57
C GLN A 75 -15.93 10.81 -12.08
N THR A 76 -14.96 10.32 -11.29
CA THR A 76 -15.12 10.28 -9.85
C THR A 76 -15.03 11.67 -9.24
N ASP A 77 -14.07 12.49 -9.68
CA ASP A 77 -13.94 13.83 -9.14
C ASP A 77 -15.04 14.76 -9.61
N ARG A 78 -15.80 14.38 -10.63
CA ARG A 78 -16.95 15.18 -11.03
C ARG A 78 -18.09 15.06 -10.01
N GLU A 79 -18.32 13.87 -9.49
CA GLU A 79 -19.25 13.73 -8.35
C GLU A 79 -18.68 14.31 -7.06
N ASN A 80 -17.36 14.24 -6.87
CA ASN A 80 -16.78 14.81 -5.65
C ASN A 80 -16.93 16.32 -5.63
N LEU A 81 -16.84 16.97 -6.80
CA LEU A 81 -17.08 18.40 -6.88
C LEU A 81 -18.50 18.72 -6.42
N ARG A 82 -19.45 17.85 -6.73
CA ARG A 82 -20.84 18.05 -6.32
C ARG A 82 -21.05 17.72 -4.84
N ILE A 83 -20.32 16.74 -4.31
CA ILE A 83 -20.39 16.44 -2.88
C ILE A 83 -19.83 17.59 -2.05
N ALA A 84 -18.77 18.23 -2.55
CA ALA A 84 -18.19 19.37 -1.85
C ALA A 84 -19.19 20.51 -1.72
N LEU A 85 -19.98 20.73 -2.77
CA LEU A 85 -21.03 21.75 -2.70
C LEU A 85 -21.98 21.49 -1.55
N ARG A 86 -22.34 20.21 -1.33
CA ARG A 86 -23.23 19.88 -0.22
C ARG A 86 -22.52 20.02 1.12
N TYR A 87 -21.24 19.60 1.20
CA TYR A 87 -20.53 19.68 2.48
C TYR A 87 -20.32 21.13 2.91
N TYR A 88 -20.08 22.03 1.96
CA TYR A 88 -19.76 23.42 2.26
C TYR A 88 -20.96 24.35 2.07
N ASN A 89 -22.11 23.80 1.68
CA ASN A 89 -23.34 24.54 1.43
C ASN A 89 -23.08 25.69 0.45
N GLN A 90 -22.54 25.32 -0.72
CA GLN A 90 -22.25 26.24 -1.80
C GLN A 90 -23.21 26.00 -2.97
N SER A 91 -23.37 27.03 -3.81
CA SER A 91 -24.37 26.99 -4.86
C SER A 91 -23.83 26.34 -6.13
N GLU A 92 -24.76 25.97 -7.03
CA GLU A 92 -24.41 25.37 -8.31
C GLU A 92 -23.97 26.40 -9.35
N ALA A 93 -23.92 27.68 -9.03
CA ALA A 93 -23.53 28.68 -10.00
C ALA A 93 -22.04 29.04 -9.95
N GLY A 94 -21.35 28.66 -8.89
CA GLY A 94 -19.95 29.01 -8.74
C GLY A 94 -19.02 27.98 -9.39
N SER A 95 -17.94 28.48 -10.00
CA SER A 95 -16.90 27.60 -10.49
C SER A 95 -15.95 27.25 -9.35
N HIS A 96 -15.64 25.96 -9.22
CA HIS A 96 -14.79 25.47 -8.15
C HIS A 96 -13.75 24.52 -8.74
N THR A 97 -12.69 24.30 -7.98
CA THR A 97 -11.54 23.53 -8.43
C THR A 97 -11.25 22.42 -7.43
N LEU A 98 -11.03 21.21 -7.93
CA LEU A 98 -10.58 20.09 -7.13
C LEU A 98 -9.28 19.56 -7.70
N GLN A 99 -8.24 19.52 -6.87
CA GLN A 99 -6.91 19.09 -7.27
C GLN A 99 -6.50 17.87 -6.48
N MET A 100 -5.83 16.94 -7.16
CA MET A 100 -5.31 15.72 -6.55
C MET A 100 -3.86 15.51 -6.96
N MET A 101 -3.06 15.04 -6.01
CA MET A 101 -1.67 14.65 -6.27
C MET A 101 -1.44 13.28 -5.66
N PHE A 102 -0.86 12.38 -6.44
CA PHE A 102 -0.46 11.08 -5.91
C PHE A 102 0.78 10.62 -6.65
N GLY A 103 1.53 9.74 -5.99
CA GLY A 103 2.77 9.23 -6.54
C GLY A 103 3.63 8.66 -5.44
N CYS A 104 4.85 8.28 -5.82
CA CYS A 104 5.76 7.61 -4.92
C CYS A 104 7.19 8.08 -5.15
N ASP A 105 8.03 7.82 -4.16
CA ASP A 105 9.46 8.08 -4.21
C ASP A 105 10.24 6.78 -4.12
N VAL A 106 11.34 6.70 -4.88
CA VAL A 106 12.29 5.60 -4.76
C VAL A 106 13.68 6.22 -4.58
N GLY A 107 14.59 5.40 -4.08
CA GLY A 107 15.95 5.86 -3.87
C GLY A 107 16.84 5.55 -5.06
N SER A 108 18.13 5.88 -4.90
CA SER A 108 19.09 5.63 -5.98
C SER A 108 19.15 4.15 -6.33
N ASP A 109 18.97 3.29 -5.34
CA ASP A 109 18.91 1.84 -5.55
C ASP A 109 17.54 1.36 -6.04
N GLY A 110 16.53 2.22 -6.03
CA GLY A 110 15.21 1.84 -6.47
C GLY A 110 14.28 1.23 -5.44
N ARG A 111 14.51 1.43 -4.16
CA ARG A 111 13.64 0.89 -3.11
C ARG A 111 12.58 1.93 -2.73
N PHE A 112 11.42 1.44 -2.32
CA PHE A 112 10.31 2.32 -1.92
C PHE A 112 10.73 3.22 -0.77
N LEU A 113 10.41 4.50 -0.88
CA LEU A 113 10.73 5.48 0.14
C LEU A 113 9.49 6.15 0.74
N ARG A 114 8.67 6.82 -0.08
CA ARG A 114 7.53 7.57 0.43
C ARG A 114 6.37 7.45 -0.53
N GLY A 115 5.17 7.71 0.00
CA GLY A 115 3.96 7.71 -0.79
C GLY A 115 3.14 8.96 -0.53
N TYR A 116 2.37 9.36 -1.53
CA TYR A 116 1.61 10.60 -1.46
C TYR A 116 0.20 10.39 -2.02
N HIS A 117 -0.78 11.03 -1.37
CA HIS A 117 -2.18 10.93 -1.77
C HIS A 117 -2.99 12.05 -1.16
N GLN A 118 -3.01 13.22 -1.81
CA GLN A 118 -3.58 14.41 -1.22
C GLN A 118 -4.61 15.05 -2.16
N TYR A 119 -5.55 15.78 -1.57
CA TYR A 119 -6.61 16.47 -2.29
C TYR A 119 -6.64 17.93 -1.85
N ALA A 120 -7.09 18.80 -2.76
CA ALA A 120 -7.31 20.20 -2.45
C ALA A 120 -8.60 20.67 -3.10
N TYR A 121 -9.39 21.42 -2.35
CA TYR A 121 -10.62 22.02 -2.84
C TYR A 121 -10.45 23.54 -2.87
N ASP A 122 -10.54 24.12 -4.07
CA ASP A 122 -10.40 25.56 -4.27
C ASP A 122 -9.03 26.05 -3.80
N GLY A 123 -8.01 25.22 -4.01
CA GLY A 123 -6.64 25.63 -3.77
C GLY A 123 -6.14 25.51 -2.35
N LYS A 124 -6.89 24.89 -1.45
CA LYS A 124 -6.45 24.70 -0.08
C LYS A 124 -6.69 23.25 0.31
N ASP A 125 -5.81 22.73 1.17
CA ASP A 125 -5.83 21.33 1.58
C ASP A 125 -7.23 20.86 1.96
N TYR A 126 -7.63 19.72 1.40
CA TYR A 126 -8.86 19.07 1.81
C TYR A 126 -8.52 17.90 2.72
N ILE A 127 -8.03 16.81 2.12
CA ILE A 127 -7.63 15.63 2.87
C ILE A 127 -6.32 15.09 2.31
N ALA A 128 -5.52 14.47 3.17
CA ALA A 128 -4.24 13.90 2.79
C ALA A 128 -4.00 12.59 3.53
N LEU A 129 -3.40 11.63 2.83
CA LEU A 129 -2.88 10.43 3.47
C LEU A 129 -1.60 10.78 4.19
N LYS A 130 -1.50 10.41 5.46
CA LYS A 130 -0.30 10.79 6.19
C LYS A 130 0.87 9.89 5.78
N GLU A 131 2.07 10.26 6.24
CA GLU A 131 3.27 9.57 5.79
C GLU A 131 3.29 8.11 6.20
N ASP A 132 2.58 7.74 7.27
CA ASP A 132 2.49 6.33 7.62
C ASP A 132 1.66 5.54 6.63
N LEU A 133 0.99 6.22 5.69
CA LEU A 133 0.14 5.58 4.69
C LEU A 133 -0.95 4.74 5.37
N ARG A 134 -1.37 5.18 6.56
CA ARG A 134 -2.40 4.51 7.36
C ARG A 134 -3.43 5.44 7.96
N SER A 135 -3.14 6.72 8.17
CA SER A 135 -4.06 7.67 8.77
C SER A 135 -4.23 8.88 7.85
N TRP A 136 -5.25 9.69 8.14
CA TRP A 136 -5.64 10.81 7.27
C TRP A 136 -5.55 12.12 8.03
N THR A 137 -5.22 13.18 7.30
CA THR A 137 -5.21 14.55 7.82
C THR A 137 -6.32 15.35 7.14
N ALA A 138 -7.36 15.69 7.90
CA ALA A 138 -8.49 16.47 7.40
C ALA A 138 -8.35 17.92 7.84
N ALA A 139 -8.49 18.84 6.89
CA ALA A 139 -8.22 20.26 7.12
C ALA A 139 -9.41 21.04 7.66
N ASP A 140 -10.64 20.59 7.45
CA ASP A 140 -11.82 21.32 7.91
C ASP A 140 -12.93 20.33 8.27
N MET A 141 -14.07 20.88 8.72
CA MET A 141 -15.17 20.02 9.15
C MET A 141 -15.77 19.21 8.00
N ALA A 142 -15.65 19.71 6.78
CA ALA A 142 -16.10 18.95 5.62
C ALA A 142 -15.26 17.71 5.41
N ALA A 143 -13.93 17.86 5.42
CA ALA A 143 -13.04 16.72 5.25
C ALA A 143 -13.13 15.71 6.40
N GLN A 144 -13.58 16.12 7.58
CA GLN A 144 -13.80 15.16 8.65
C GLN A 144 -14.87 14.16 8.29
N ILE A 145 -15.90 14.60 7.55
CA ILE A 145 -16.94 13.68 7.09
C ILE A 145 -16.36 12.66 6.11
N THR A 146 -15.51 13.12 5.20
CA THR A 146 -14.88 12.22 4.23
C THR A 146 -13.87 11.30 4.90
N LYS A 147 -13.15 11.82 5.90
CA LYS A 147 -12.16 11.02 6.61
C LYS A 147 -12.82 9.84 7.33
N ARG A 148 -13.93 10.09 8.02
CA ARG A 148 -14.65 9.01 8.69
C ARG A 148 -15.08 7.93 7.71
N LYS A 149 -15.61 8.32 6.55
CA LYS A 149 -16.00 7.35 5.53
C LYS A 149 -14.79 6.56 5.04
N TRP A 150 -13.69 7.25 4.75
CA TRP A 150 -12.53 6.56 4.21
C TRP A 150 -11.86 5.69 5.26
N GLU A 151 -12.07 5.97 6.55
CA GLU A 151 -11.60 5.06 7.59
C GLU A 151 -12.49 3.83 7.67
N ALA A 152 -13.80 4.01 7.54
CA ALA A 152 -14.73 2.87 7.58
C ALA A 152 -14.54 1.98 6.37
N ALA A 153 -14.31 2.57 5.20
CA ALA A 153 -14.11 1.79 3.99
C ALA A 153 -12.68 1.29 3.84
N HIS A 154 -11.79 1.66 4.77
CA HIS A 154 -10.40 1.21 4.77
C HIS A 154 -9.70 1.57 3.46
N VAL A 155 -9.85 2.83 3.06
CA VAL A 155 -9.26 3.31 1.81
C VAL A 155 -7.74 3.36 1.90
N ALA A 156 -7.19 3.62 3.09
CA ALA A 156 -5.74 3.76 3.23
C ALA A 156 -5.01 2.50 2.78
N GLU A 157 -5.52 1.33 3.18
CA GLU A 157 -4.89 0.08 2.79
C GLU A 157 -4.88 -0.10 1.28
N GLN A 158 -5.99 0.21 0.61
CA GLN A 158 -6.05 0.06 -0.84
C GLN A 158 -5.07 0.99 -1.55
N GLN A 159 -4.86 2.20 -1.00
CA GLN A 159 -3.90 3.12 -1.60
C GLN A 159 -2.47 2.71 -1.28
N ARG A 160 -2.21 2.29 -0.04
CA ARG A 160 -0.87 1.89 0.37
C ARG A 160 -0.33 0.76 -0.50
N ALA A 161 -1.21 -0.16 -0.93
CA ALA A 161 -0.80 -1.21 -1.86
C ALA A 161 -0.31 -0.64 -3.18
N TYR A 162 -1.10 0.26 -3.78
CA TYR A 162 -0.71 0.88 -5.04
C TYR A 162 0.61 1.64 -4.90
N LEU A 163 0.71 2.47 -3.87
CA LEU A 163 1.88 3.32 -3.71
C LEU A 163 3.16 2.49 -3.55
N GLU A 164 3.07 1.39 -2.81
CA GLU A 164 4.21 0.50 -2.62
C GLU A 164 4.38 -0.50 -3.76
N GLY A 165 3.40 -0.64 -4.64
CA GLY A 165 3.46 -1.69 -5.65
C GLY A 165 3.52 -1.19 -7.08
N THR A 166 2.35 -1.06 -7.71
CA THR A 166 2.25 -0.62 -9.10
C THR A 166 2.97 0.70 -9.33
N CYS A 167 2.96 1.58 -8.32
CA CYS A 167 3.55 2.91 -8.42
C CYS A 167 5.06 2.82 -8.62
N VAL A 168 5.75 2.14 -7.70
CA VAL A 168 7.21 2.03 -7.77
C VAL A 168 7.64 1.18 -8.95
N ASP A 169 6.88 0.13 -9.26
CA ASP A 169 7.22 -0.71 -10.40
C ASP A 169 7.29 0.11 -11.69
N GLY A 170 6.35 1.03 -11.86
CA GLY A 170 6.36 1.89 -13.04
C GLY A 170 7.53 2.85 -13.01
N LEU A 171 7.76 3.50 -11.88
CA LEU A 171 8.83 4.53 -11.81
C LEU A 171 10.16 3.87 -12.21
N ARG A 172 10.43 2.69 -11.65
CA ARG A 172 11.67 1.97 -12.00
C ARG A 172 11.74 1.81 -13.51
N ARG A 173 10.68 1.27 -14.12
CA ARG A 173 10.71 0.99 -15.55
C ARG A 173 10.92 2.26 -16.36
N TYR A 174 10.22 3.34 -15.98
CA TYR A 174 10.37 4.60 -16.69
C TYR A 174 11.79 5.15 -16.54
N LEU A 175 12.39 4.95 -15.36
CA LEU A 175 13.75 5.42 -15.13
C LEU A 175 14.77 4.66 -15.97
N GLU A 176 14.62 3.34 -16.07
CA GLU A 176 15.56 2.57 -16.88
C GLU A 176 15.38 2.87 -18.36
N ASN A 177 14.13 2.88 -18.82
CA ASN A 177 13.89 3.14 -20.23
C ASN A 177 14.30 4.56 -20.60
N GLY A 178 14.25 5.47 -19.65
CA GLY A 178 14.70 6.82 -19.88
C GLY A 178 16.11 7.06 -19.34
N LYS A 179 16.91 6.00 -19.19
CA LYS A 179 18.25 6.18 -18.64
C LYS A 179 19.03 7.24 -19.42
N GLU A 180 19.01 7.16 -20.75
CA GLU A 180 19.77 8.11 -21.56
C GLU A 180 19.30 9.52 -21.31
N THR A 181 18.04 9.68 -20.90
CA THR A 181 17.44 10.98 -20.61
C THR A 181 17.19 11.27 -19.14
N LEU A 182 16.72 10.29 -18.33
CA LEU A 182 16.32 10.64 -16.96
C LEU A 182 17.51 10.75 -16.02
N GLN A 183 18.44 9.80 -16.10
CA GLN A 183 19.58 9.78 -15.15
C GLN A 183 20.73 10.60 -15.73
N ARG A 184 20.51 11.89 -15.97
CA ARG A 184 21.56 12.78 -16.52
C ARG A 184 21.44 14.16 -15.85
N THR A 185 22.41 15.05 -16.06
CA THR A 185 22.29 16.42 -15.51
C THR A 185 22.80 17.42 -16.53
N ASP A 186 22.24 18.62 -16.52
CA ASP A 186 22.71 19.69 -17.39
C ASP A 186 23.32 20.79 -16.53
N PRO A 187 24.64 21.01 -16.58
CA PRO A 187 25.25 22.08 -15.78
C PRO A 187 24.76 23.46 -16.24
N PRO A 188 24.61 24.38 -15.31
CA PRO A 188 24.22 25.76 -15.69
C PRO A 188 25.33 26.49 -16.43
N LYS A 189 24.91 27.34 -17.36
CA LYS A 189 25.80 28.25 -18.07
C LYS A 189 25.77 29.61 -17.38
N THR A 190 26.90 30.01 -16.79
CA THR A 190 26.94 31.20 -15.94
C THR A 190 27.51 32.39 -16.70
N HIS A 191 26.95 33.56 -16.43
CA HIS A 191 27.39 34.81 -17.03
C HIS A 191 26.86 35.96 -16.18
N MET A 192 27.52 37.12 -16.27
CA MET A 192 27.19 38.27 -15.44
C MET A 192 27.12 39.54 -16.26
N THR A 193 26.22 40.45 -15.86
CA THR A 193 26.00 41.74 -16.49
C THR A 193 25.99 42.85 -15.44
N HIS A 194 26.11 44.09 -15.90
CA HIS A 194 26.19 45.26 -15.02
C HIS A 194 25.28 46.38 -15.52
N HIS A 195 24.63 47.06 -14.58
CA HIS A 195 23.71 48.18 -14.83
C HIS A 195 23.93 49.28 -13.80
N PRO A 196 24.19 50.52 -14.23
CA PRO A 196 24.34 51.60 -13.27
C PRO A 196 23.03 51.93 -12.56
N LEU A 204 24.36 44.69 -10.93
CA LEU A 204 24.90 43.54 -11.69
C LEU A 204 24.19 42.25 -11.24
N ARG A 205 24.10 41.24 -12.12
CA ARG A 205 23.37 39.99 -11.78
C ARG A 205 24.01 38.77 -12.46
N CYS A 206 23.96 37.60 -11.80
CA CYS A 206 24.51 36.37 -12.42
C CYS A 206 23.38 35.62 -13.13
N TRP A 207 23.73 34.80 -14.13
CA TRP A 207 22.72 34.06 -14.90
C TRP A 207 23.08 32.58 -15.00
N ALA A 208 22.15 31.69 -14.64
CA ALA A 208 22.36 30.23 -14.83
C ALA A 208 21.32 29.78 -15.86
N LEU A 209 21.77 29.26 -17.00
CA LEU A 209 20.82 28.92 -18.08
C LEU A 209 21.07 27.50 -18.58
N GLY A 210 20.02 26.79 -18.98
CA GLY A 210 20.18 25.49 -19.59
C GLY A 210 20.53 24.41 -18.60
N PHE A 211 20.01 24.49 -17.37
CA PHE A 211 20.33 23.50 -16.35
C PHE A 211 19.12 22.59 -16.10
N TYR A 212 19.42 21.32 -15.82
CA TYR A 212 18.48 20.27 -15.45
C TYR A 212 19.21 19.40 -14.45
N PRO A 213 18.58 19.04 -13.32
CA PRO A 213 17.21 19.39 -12.91
C PRO A 213 17.07 20.84 -12.49
N ALA A 214 15.91 21.23 -11.97
CA ALA A 214 15.64 22.63 -11.63
C ALA A 214 16.18 23.01 -10.26
N GLU A 215 16.54 22.03 -9.43
CA GLU A 215 17.10 22.31 -8.12
C GLU A 215 18.40 23.09 -8.31
N ILE A 216 18.44 24.33 -7.82
CA ILE A 216 19.65 25.14 -7.96
C ILE A 216 19.62 26.19 -6.88
N THR A 217 20.80 26.65 -6.47
CA THR A 217 20.93 27.68 -5.46
C THR A 217 21.89 28.76 -5.94
N LEU A 218 21.44 30.02 -5.92
CA LEU A 218 22.30 31.15 -6.27
C LEU A 218 22.55 31.97 -5.02
N THR A 219 23.82 32.17 -4.71
CA THR A 219 24.24 32.83 -3.48
C THR A 219 25.07 34.04 -3.84
N TRP A 220 24.94 35.08 -3.02
CA TRP A 220 25.74 36.28 -3.16
C TRP A 220 26.62 36.44 -1.93
N GLN A 221 27.92 36.63 -2.15
CA GLN A 221 28.85 36.90 -1.06
C GLN A 221 29.70 38.11 -1.41
N ARG A 222 29.79 39.05 -0.48
CA ARG A 222 30.65 40.22 -0.60
C ARG A 222 31.86 40.04 0.29
N ASP A 223 33.04 39.98 -0.33
CA ASP A 223 34.29 39.78 0.38
C ASP A 223 34.26 38.47 1.16
N GLY A 224 33.62 37.47 0.58
CA GLY A 224 33.52 36.18 1.25
C GLY A 224 32.48 36.08 2.34
N GLU A 225 31.55 37.03 2.43
CA GLU A 225 30.52 37.06 3.47
C GLU A 225 29.14 37.02 2.83
N ASP A 226 28.28 36.14 3.35
CA ASP A 226 26.94 35.96 2.81
C ASP A 226 26.18 37.27 2.75
N GLN A 227 25.61 37.57 1.58
CA GLN A 227 24.88 38.82 1.36
C GLN A 227 23.42 38.54 1.07
N THR A 228 22.54 39.03 1.95
CA THR A 228 21.09 38.86 1.80
C THR A 228 20.38 40.15 1.39
N GLN A 229 20.86 41.30 1.81
CA GLN A 229 20.25 42.59 1.51
C GLN A 229 20.72 43.09 0.15
N ASP A 230 19.85 43.87 -0.50
CA ASP A 230 20.06 44.41 -1.85
C ASP A 230 20.14 43.30 -2.90
N THR A 231 19.70 42.08 -2.57
CA THR A 231 19.77 40.94 -3.47
C THR A 231 18.38 40.56 -3.96
N GLU A 232 18.27 40.27 -5.25
CA GLU A 232 17.04 39.81 -5.88
C GLU A 232 17.22 38.46 -6.57
N LEU A 233 16.36 37.50 -6.23
CA LEU A 233 16.38 36.16 -6.84
C LEU A 233 15.00 35.82 -7.37
N VAL A 234 14.91 35.51 -8.66
CA VAL A 234 13.65 35.15 -9.31
C VAL A 234 13.49 33.63 -9.27
N GLU A 235 12.24 33.18 -9.38
CA GLU A 235 11.95 31.76 -9.38
C GLU A 235 12.51 31.08 -10.61
N THR A 236 12.91 29.82 -10.44
CA THR A 236 13.39 29.00 -11.55
C THR A 236 12.34 28.92 -12.65
N ARG A 237 12.76 29.10 -13.89
CA ARG A 237 11.82 29.17 -14.98
C ARG A 237 12.19 28.13 -16.04
N PRO A 238 11.21 27.54 -16.70
CA PRO A 238 11.51 26.66 -17.82
C PRO A 238 11.76 27.45 -19.09
N ALA A 239 12.67 26.93 -19.92
CA ALA A 239 12.96 27.55 -21.20
C ALA A 239 12.13 26.97 -22.33
N GLY A 240 11.53 25.80 -22.13
CA GLY A 240 10.76 25.12 -23.15
C GLY A 240 11.46 23.94 -23.77
N ASP A 241 12.75 23.74 -23.46
CA ASP A 241 13.56 22.67 -24.02
C ASP A 241 13.88 21.57 -23.02
N GLY A 242 13.25 21.58 -21.84
CA GLY A 242 13.55 20.61 -20.81
C GLY A 242 14.56 21.08 -19.77
N THR A 243 15.16 22.25 -19.99
CA THR A 243 16.10 22.85 -19.06
C THR A 243 15.47 24.08 -18.43
N PHE A 244 16.16 24.63 -17.43
CA PHE A 244 15.59 25.70 -16.61
C PHE A 244 16.55 26.87 -16.55
N GLN A 245 16.06 27.99 -16.00
CA GLN A 245 16.81 29.24 -15.95
C GLN A 245 16.53 29.95 -14.64
N LYS A 246 17.53 30.67 -14.13
CA LYS A 246 17.38 31.45 -12.92
C LYS A 246 18.48 32.50 -12.89
N TRP A 247 18.21 33.64 -12.26
CA TRP A 247 19.24 34.68 -12.13
C TRP A 247 19.15 35.35 -10.76
N ALA A 248 20.28 35.92 -10.34
CA ALA A 248 20.41 36.61 -9.04
C ALA A 248 21.16 37.91 -9.22
N ALA A 249 20.74 38.94 -8.48
CA ALA A 249 21.27 40.31 -8.61
C ALA A 249 21.60 40.91 -7.25
N VAL A 250 22.40 41.98 -7.25
CA VAL A 250 22.68 42.79 -6.05
C VAL A 250 22.55 44.28 -6.35
N GLY A 255 29.60 52.45 -9.44
CA GLY A 255 29.35 52.74 -8.05
C GLY A 255 30.11 51.84 -7.09
N GLU A 256 29.37 50.91 -6.47
CA GLU A 256 29.91 49.94 -5.53
C GLU A 256 29.97 48.59 -6.28
N GLU A 257 31.15 48.04 -6.41
CA GLU A 257 31.27 46.85 -7.26
C GLU A 257 32.61 46.16 -7.06
N GLN A 258 32.84 45.12 -7.87
CA GLN A 258 34.12 44.36 -7.82
C GLN A 258 34.23 43.58 -6.51
N ARG A 259 33.76 44.15 -5.41
CA ARG A 259 33.93 43.49 -4.10
C ARG A 259 32.94 42.32 -3.94
N TYR A 260 31.95 42.21 -4.81
CA TYR A 260 30.90 41.17 -4.63
C TYR A 260 31.16 39.99 -5.54
N THR A 261 30.66 38.81 -5.17
CA THR A 261 30.81 37.60 -5.97
C THR A 261 29.55 36.75 -5.86
N CYS A 262 29.17 36.15 -6.98
CA CYS A 262 28.01 35.27 -7.04
C CYS A 262 28.47 33.82 -7.06
N HIS A 263 27.88 33.01 -6.19
CA HIS A 263 28.25 31.61 -6.00
C HIS A 263 27.05 30.73 -6.34
N VAL A 264 27.28 29.74 -7.22
CA VAL A 264 26.21 28.96 -7.83
C VAL A 264 26.43 27.49 -7.49
N GLN A 265 25.43 26.85 -6.89
CA GLN A 265 25.48 25.44 -6.52
C GLN A 265 24.39 24.65 -7.23
N HIS A 266 24.77 23.47 -7.76
CA HIS A 266 23.89 22.62 -8.56
C HIS A 266 24.52 21.22 -8.64
N GLU A 267 23.68 20.20 -8.53
CA GLU A 267 24.11 18.80 -8.54
C GLU A 267 24.74 18.39 -9.87
N GLY A 268 24.59 19.20 -10.91
CA GLY A 268 25.20 19.07 -12.21
C GLY A 268 26.50 19.81 -12.39
N LEU A 269 26.91 20.59 -11.38
CA LEU A 269 28.16 21.33 -11.44
C LEU A 269 29.28 20.54 -10.80
N PRO A 270 30.42 20.40 -11.49
CA PRO A 270 31.58 19.74 -10.86
C PRO A 270 32.01 20.39 -9.57
N LYS A 271 32.07 21.72 -9.55
CA LYS A 271 32.37 22.52 -8.37
C LYS A 271 31.38 23.67 -8.29
N PRO A 272 31.03 24.15 -7.10
CA PRO A 272 30.24 25.38 -7.01
C PRO A 272 30.97 26.50 -7.74
N LEU A 273 30.24 27.25 -8.56
CA LEU A 273 30.87 28.28 -9.38
C LEU A 273 30.91 29.62 -8.69
N THR A 274 32.00 30.37 -8.93
CA THR A 274 32.12 31.74 -8.40
C THR A 274 32.22 32.66 -9.58
N LEU A 275 31.49 33.78 -9.58
CA LEU A 275 31.44 34.64 -10.80
C LEU A 275 32.35 35.87 -10.70
N ARG A 276 33.23 36.03 -11.68
CA ARG A 276 34.14 37.20 -11.73
C ARG A 276 33.44 38.38 -12.37
N TRP A 277 33.11 39.41 -11.59
CA TRP A 277 32.55 40.63 -12.24
C TRP A 277 33.66 41.32 -13.04
N MET B 1 -12.90 32.75 -0.65
CA MET B 1 -11.70 31.87 -0.71
C MET B 1 -10.47 32.73 -1.05
N ILE B 2 -9.30 32.09 -1.12
CA ILE B 2 -8.03 32.85 -1.38
C ILE B 2 -7.68 32.77 -2.87
N GLN B 3 -7.65 33.93 -3.54
CA GLN B 3 -7.25 33.97 -4.96
C GLN B 3 -5.80 34.46 -5.01
N ARG B 4 -4.97 33.79 -5.80
CA ARG B 4 -3.53 34.15 -5.87
C ARG B 4 -3.26 34.83 -7.22
N THR B 5 -2.59 35.99 -7.19
CA THR B 5 -2.31 36.76 -8.43
C THR B 5 -1.17 36.12 -9.17
N PRO B 6 -1.20 36.09 -10.51
CA PRO B 6 -0.15 35.44 -11.29
C PRO B 6 1.20 36.10 -11.23
N LYS B 7 2.26 35.29 -11.21
CA LYS B 7 3.64 35.83 -11.28
C LYS B 7 4.01 35.75 -12.76
N ILE B 8 4.51 36.83 -13.36
CA ILE B 8 4.68 36.86 -14.81
C ILE B 8 6.15 37.06 -15.13
N GLN B 9 6.67 36.25 -16.05
CA GLN B 9 8.05 36.38 -16.51
C GLN B 9 8.07 36.15 -18.02
N VAL B 10 8.28 37.21 -18.79
CA VAL B 10 8.48 37.11 -20.23
C VAL B 10 9.98 37.15 -20.49
N TYR B 11 10.47 36.18 -21.26
CA TYR B 11 11.90 36.02 -21.43
C TYR B 11 12.15 35.19 -22.68
N SER B 12 13.39 35.23 -23.14
CA SER B 12 13.81 34.46 -24.31
C SER B 12 14.31 33.09 -23.90
N ARG B 13 14.12 32.11 -24.79
CA ARG B 13 14.53 30.75 -24.50
C ARG B 13 16.05 30.62 -24.45
N HIS B 14 16.71 30.73 -25.60
CA HIS B 14 18.16 30.76 -25.63
C HIS B 14 18.67 32.20 -25.68
N PRO B 15 19.94 32.43 -25.32
CA PRO B 15 20.48 33.80 -25.38
C PRO B 15 20.58 34.27 -26.81
N ALA B 16 20.03 35.46 -27.08
CA ALA B 16 19.92 35.95 -28.44
C ALA B 16 19.30 37.34 -28.50
N GLU B 17 19.75 38.12 -29.47
CA GLU B 17 19.18 39.40 -29.84
C GLU B 17 19.39 39.61 -31.34
N ASN B 18 19.92 38.60 -32.02
CA ASN B 18 20.27 38.78 -33.44
C ASN B 18 20.11 37.50 -34.26
N GLY B 19 19.44 37.58 -35.41
CA GLY B 19 19.26 36.49 -36.36
C GLY B 19 19.21 35.01 -36.00
N LYS B 20 19.55 34.65 -34.77
CA LYS B 20 19.61 33.25 -34.36
C LYS B 20 18.29 32.80 -33.74
N SER B 21 17.74 31.70 -34.27
CA SER B 21 16.44 31.22 -33.82
C SER B 21 16.40 30.97 -32.32
N ASN B 22 15.28 31.33 -31.71
CA ASN B 22 15.04 31.15 -30.28
C ASN B 22 13.54 30.97 -30.08
N PHE B 23 13.07 31.09 -28.84
CA PHE B 23 11.65 30.95 -28.52
C PHE B 23 11.27 32.00 -27.48
N LEU B 24 10.27 32.81 -27.76
CA LEU B 24 9.79 33.82 -26.76
C LEU B 24 8.88 33.10 -25.75
N ASN B 25 9.12 33.28 -24.44
CA ASN B 25 8.36 32.54 -23.40
C ASN B 25 7.74 33.49 -22.38
N CYS B 26 6.48 33.25 -21.97
CA CYS B 26 5.85 34.04 -20.89
C CYS B 26 5.40 33.04 -19.82
N TYR B 27 6.20 32.86 -18.76
CA TYR B 27 5.92 31.88 -17.73
C TYR B 27 5.11 32.54 -16.62
N VAL B 28 3.88 32.07 -16.45
CA VAL B 28 2.98 32.53 -15.40
C VAL B 28 2.90 31.44 -14.34
N SER B 29 2.98 31.83 -13.08
CA SER B 29 3.09 30.85 -12.01
C SER B 29 2.49 31.41 -10.73
N GLY B 30 2.19 30.50 -9.80
CA GLY B 30 1.74 30.87 -8.48
C GLY B 30 0.34 31.43 -8.42
N PHE B 31 -0.49 31.18 -9.42
CA PHE B 31 -1.83 31.77 -9.48
C PHE B 31 -2.90 30.73 -9.19
N HIS B 32 -4.08 31.22 -8.82
CA HIS B 32 -5.25 30.40 -8.55
C HIS B 32 -6.49 31.28 -8.61
N PRO B 33 -7.56 30.86 -9.31
CA PRO B 33 -7.74 29.59 -10.04
C PRO B 33 -7.05 29.54 -11.40
N SER B 34 -7.36 28.53 -12.21
CA SER B 34 -6.59 28.23 -13.40
C SER B 34 -6.96 29.06 -14.62
N ASP B 35 -8.15 29.66 -14.67
CA ASP B 35 -8.50 30.46 -15.85
C ASP B 35 -7.57 31.65 -15.97
N ILE B 36 -6.77 31.66 -17.02
CA ILE B 36 -5.78 32.71 -17.27
C ILE B 36 -5.68 32.93 -18.76
N GLU B 37 -5.45 34.18 -19.15
CA GLU B 37 -5.24 34.56 -20.54
C GLU B 37 -3.83 35.10 -20.69
N VAL B 38 -3.05 34.45 -21.54
CA VAL B 38 -1.68 34.87 -21.82
C VAL B 38 -1.59 35.14 -23.31
N ASP B 39 -1.24 36.37 -23.63
CA ASP B 39 -1.08 36.81 -25.00
C ASP B 39 0.34 37.32 -25.13
N LEU B 40 1.06 36.79 -26.10
CA LEU B 40 2.36 37.33 -26.45
C LEU B 40 2.07 38.48 -27.40
N LEU B 41 2.81 39.57 -27.26
CA LEU B 41 2.56 40.79 -28.00
C LEU B 41 3.82 41.16 -28.78
N LYS B 42 3.63 41.53 -30.04
CA LYS B 42 4.74 42.04 -30.87
C LYS B 42 4.39 43.49 -31.23
N ASN B 43 5.12 44.43 -30.65
CA ASN B 43 4.92 45.87 -30.92
C ASN B 43 3.45 46.27 -30.74
N GLY B 44 2.77 45.60 -29.80
CA GLY B 44 1.40 45.90 -29.45
C GLY B 44 0.35 45.03 -30.12
N GLU B 45 0.74 44.18 -31.06
CA GLU B 45 -0.18 43.31 -31.79
C GLU B 45 -0.03 41.87 -31.34
N ARG B 46 -1.16 41.21 -31.08
CA ARG B 46 -1.14 39.81 -30.68
C ARG B 46 -0.44 38.93 -31.72
N ILE B 47 0.50 38.10 -31.29
CA ILE B 47 1.03 37.07 -32.17
C ILE B 47 0.02 35.93 -32.25
N GLU B 48 -0.28 35.50 -33.46
CA GLU B 48 -1.37 34.51 -33.65
C GLU B 48 -1.02 33.14 -33.09
N LYS B 49 0.11 32.55 -33.50
CA LYS B 49 0.42 31.17 -33.06
C LYS B 49 1.23 31.21 -31.76
N VAL B 50 0.57 31.00 -30.62
CA VAL B 50 1.26 30.92 -29.30
C VAL B 50 0.77 29.63 -28.63
N GLU B 51 1.65 28.65 -28.48
CA GLU B 51 1.29 27.38 -27.81
C GLU B 51 1.59 27.49 -26.30
N HIS B 52 1.09 26.53 -25.52
CA HIS B 52 1.34 26.51 -24.09
C HIS B 52 1.37 25.07 -23.60
N SER B 53 2.08 24.87 -22.49
CA SER B 53 2.26 23.55 -21.88
C SER B 53 0.99 23.12 -21.16
N ASP B 54 0.96 21.85 -20.78
CA ASP B 54 -0.17 21.32 -20.02
C ASP B 54 -0.20 21.90 -18.60
N LEU B 55 -1.41 22.16 -18.12
CA LEU B 55 -1.59 22.76 -16.80
C LEU B 55 -1.09 21.83 -15.70
N SER B 56 -0.31 22.39 -14.79
CA SER B 56 0.18 21.66 -13.62
C SER B 56 0.28 22.65 -12.48
N PHE B 57 0.60 22.14 -11.28
CA PHE B 57 0.63 22.99 -10.10
C PHE B 57 1.78 22.62 -9.18
N SER B 58 2.07 23.53 -8.25
CA SER B 58 3.21 23.45 -7.35
C SER B 58 2.81 22.78 -6.04
N LYS B 59 3.72 22.79 -5.07
CA LYS B 59 3.46 22.16 -3.77
C LYS B 59 2.35 22.86 -3.01
N ASP B 60 2.21 24.19 -3.19
CA ASP B 60 1.16 24.95 -2.54
C ASP B 60 -0.15 24.94 -3.32
N TRP B 61 -0.28 24.06 -4.32
CA TRP B 61 -1.44 23.87 -5.18
C TRP B 61 -1.62 24.99 -6.21
N SER B 62 -0.74 25.99 -6.23
CA SER B 62 -0.84 27.06 -7.21
C SER B 62 -0.33 26.58 -8.57
N PHE B 63 -0.94 27.10 -9.63
CA PHE B 63 -0.71 26.63 -10.99
C PHE B 63 0.46 27.36 -11.65
N TYR B 64 1.04 26.71 -12.67
CA TYR B 64 2.03 27.33 -13.54
C TYR B 64 1.83 26.86 -14.98
N LEU B 65 2.02 27.79 -15.91
CA LEU B 65 1.89 27.54 -17.35
C LEU B 65 2.97 28.28 -18.09
N LEU B 66 3.48 27.69 -19.17
CA LEU B 66 4.45 28.35 -20.03
C LEU B 66 3.87 28.51 -21.43
N TYR B 67 3.79 29.74 -21.91
CA TYR B 67 3.34 30.06 -23.26
C TYR B 67 4.55 30.42 -24.11
N TYR B 68 4.63 29.87 -25.32
CA TYR B 68 5.80 30.05 -26.15
C TYR B 68 5.41 30.17 -27.61
N THR B 69 6.19 30.94 -28.36
CA THR B 69 6.05 31.00 -29.80
C THR B 69 7.44 31.02 -30.39
N GLU B 70 7.64 30.23 -31.44
CA GLU B 70 8.92 30.18 -32.15
C GLU B 70 9.22 31.51 -32.84
N PHE B 71 10.44 32.01 -32.66
CA PHE B 71 10.82 33.30 -33.22
C PHE B 71 12.32 33.37 -33.47
N THR B 72 12.71 34.26 -34.39
CA THR B 72 14.11 34.58 -34.61
C THR B 72 14.31 36.02 -34.18
N PRO B 73 14.94 36.28 -33.04
CA PRO B 73 15.06 37.64 -32.55
C PRO B 73 15.98 38.49 -33.41
N THR B 74 15.64 39.77 -33.49
CA THR B 74 16.49 40.76 -34.13
C THR B 74 16.70 41.89 -33.13
N GLU B 75 17.75 42.68 -33.39
CA GLU B 75 18.18 43.70 -32.43
C GLU B 75 17.03 44.63 -32.05
N LYS B 76 16.26 45.08 -33.04
CA LYS B 76 15.27 46.13 -32.87
C LYS B 76 13.89 45.59 -32.49
N ASP B 77 13.53 44.39 -32.96
CA ASP B 77 12.17 43.90 -32.74
C ASP B 77 11.86 43.79 -31.24
N GLU B 78 10.72 44.37 -30.84
CA GLU B 78 10.26 44.41 -29.46
C GLU B 78 9.11 43.43 -29.25
N TYR B 79 9.07 42.83 -28.07
CA TYR B 79 8.05 41.86 -27.67
C TYR B 79 7.45 42.17 -26.31
N ALA B 80 6.31 41.52 -26.05
CA ALA B 80 5.66 41.76 -24.77
C ALA B 80 4.75 40.60 -24.37
N CYS B 81 4.27 40.67 -23.14
CA CYS B 81 3.32 39.67 -22.69
C CYS B 81 2.18 40.37 -21.98
N ARG B 82 0.96 40.00 -22.35
CA ARG B 82 -0.24 40.55 -21.73
C ARG B 82 -0.95 39.41 -21.00
N VAL B 83 -1.19 39.59 -19.71
CA VAL B 83 -1.80 38.56 -18.88
C VAL B 83 -3.01 39.16 -18.18
N ASN B 84 -4.17 38.54 -18.35
CA ASN B 84 -5.38 38.86 -17.61
C ASN B 84 -5.78 37.68 -16.75
N HIS B 85 -6.25 38.00 -15.54
CA HIS B 85 -6.65 37.00 -14.56
C HIS B 85 -7.79 37.61 -13.75
N VAL B 86 -8.51 36.76 -13.02
CA VAL B 86 -9.61 37.26 -12.20
C VAL B 86 -9.09 38.23 -11.14
N THR B 87 -7.86 38.00 -10.66
CA THR B 87 -7.24 38.87 -9.66
C THR B 87 -6.78 40.19 -10.24
N LEU B 88 -6.91 40.39 -11.54
CA LEU B 88 -6.39 41.55 -12.25
C LEU B 88 -7.55 42.44 -12.64
N SER B 89 -7.53 43.70 -12.18
CA SER B 89 -8.60 44.63 -12.54
C SER B 89 -8.51 45.01 -14.02
N GLN B 90 -7.30 45.16 -14.53
CA GLN B 90 -7.05 45.42 -15.94
C GLN B 90 -5.90 44.54 -16.38
N PRO B 91 -5.84 44.16 -17.66
CA PRO B 91 -4.72 43.36 -18.14
C PRO B 91 -3.38 43.99 -17.79
N LYS B 92 -2.46 43.17 -17.29
CA LYS B 92 -1.09 43.59 -17.00
C LYS B 92 -0.19 43.23 -18.17
N ILE B 93 0.60 44.19 -18.62
CA ILE B 93 1.47 44.01 -19.78
C ILE B 93 2.92 44.15 -19.33
N VAL B 94 3.68 43.05 -19.40
CA VAL B 94 5.12 43.06 -19.15
C VAL B 94 5.87 42.96 -20.46
N LYS B 95 6.81 43.91 -20.63
CA LYS B 95 7.61 43.98 -21.87
C LYS B 95 8.91 43.22 -21.69
N TRP B 96 9.31 42.49 -22.73
CA TRP B 96 10.57 41.76 -22.72
C TRP B 96 11.74 42.74 -22.56
N ASP B 97 12.72 42.35 -21.74
CA ASP B 97 13.84 43.23 -21.42
C ASP B 97 15.17 42.66 -21.91
N ARG B 98 15.78 41.76 -21.14
CA ARG B 98 17.13 41.29 -21.44
C ARG B 98 17.13 39.79 -21.74
N ASN C 1 2.37 4.25 -14.11
CA ASN C 1 1.13 3.52 -13.87
C ASN C 1 0.18 4.31 -12.98
N TYR C 2 -0.95 4.73 -13.56
CA TYR C 2 -1.96 5.45 -12.80
C TYR C 2 -2.59 4.54 -11.74
N ASN C 3 -3.32 5.14 -10.80
CA ASN C 3 -4.01 4.34 -9.82
C ASN C 3 -5.29 3.78 -10.43
N TYR C 4 -5.78 2.67 -9.86
CA TYR C 4 -6.95 2.01 -10.43
C TYR C 4 -8.19 2.10 -9.56
N LEU C 5 -8.10 2.70 -8.38
CA LEU C 5 -9.25 2.85 -7.48
C LEU C 5 -9.41 4.30 -7.06
N PHE C 6 -10.61 4.84 -7.27
CA PHE C 6 -10.93 6.21 -6.90
C PHE C 6 -12.21 6.22 -6.08
N ARG C 7 -12.18 6.95 -4.98
CA ARG C 7 -13.21 6.97 -3.95
C ARG C 7 -13.93 8.32 -3.94
N LEU C 8 -15.13 8.31 -3.38
CA LEU C 8 -15.95 9.50 -3.23
C LEU C 8 -15.72 10.11 -1.85
N PHE C 9 -16.04 11.40 -1.74
CA PHE C 9 -15.81 12.12 -0.50
C PHE C 9 -16.88 11.77 0.54
N ASP D 3 -3.78 -23.02 -1.93
CA ASP D 3 -4.46 -24.14 -1.31
C ASP D 3 -3.79 -25.46 -1.73
N GLY D 4 -3.97 -25.85 -2.98
CA GLY D 4 -3.46 -27.10 -3.48
C GLY D 4 -4.25 -28.32 -3.05
N SER D 5 -5.39 -28.13 -2.40
CA SER D 5 -6.21 -29.25 -1.96
C SER D 5 -6.99 -29.85 -3.13
N HIS D 6 -7.23 -31.16 -3.04
CA HIS D 6 -8.04 -31.88 -4.01
C HIS D 6 -9.16 -32.63 -3.31
N SER D 7 -10.23 -32.85 -4.07
CA SER D 7 -11.44 -33.48 -3.50
C SER D 7 -11.94 -34.59 -4.40
N MET D 8 -12.46 -35.66 -3.82
CA MET D 8 -13.11 -36.73 -4.62
C MET D 8 -14.53 -36.86 -4.08
N ARG D 9 -15.54 -36.65 -4.93
CA ARG D 9 -16.93 -36.68 -4.40
C ARG D 9 -17.78 -37.64 -5.23
N TYR D 10 -18.67 -38.35 -4.56
CA TYR D 10 -19.62 -39.23 -5.29
C TYR D 10 -21.01 -38.71 -5.01
N PHE D 11 -21.80 -38.51 -6.07
CA PHE D 11 -23.17 -37.96 -5.91
C PHE D 11 -24.18 -38.99 -6.42
N SER D 12 -25.18 -39.32 -5.61
CA SER D 12 -26.17 -40.33 -5.99
C SER D 12 -27.57 -39.80 -5.76
N THR D 13 -28.47 -40.07 -6.72
CA THR D 13 -29.86 -39.67 -6.63
C THR D 13 -30.76 -40.86 -6.90
N SER D 14 -31.76 -41.07 -6.04
CA SER D 14 -32.77 -42.11 -6.21
C SER D 14 -34.15 -41.47 -6.26
N VAL D 15 -34.88 -41.71 -7.33
CA VAL D 15 -36.19 -41.12 -7.55
C VAL D 15 -37.22 -42.24 -7.65
N SER D 16 -38.17 -42.26 -6.72
CA SER D 16 -39.23 -43.26 -6.76
C SER D 16 -40.24 -42.92 -7.85
N ARG D 17 -40.68 -43.95 -8.58
CA ARG D 17 -41.64 -43.81 -9.68
C ARG D 17 -42.80 -44.79 -9.49
N PRO D 18 -43.77 -44.44 -8.65
CA PRO D 18 -44.88 -45.37 -8.39
C PRO D 18 -45.63 -45.74 -9.68
N GLY D 19 -45.90 -47.04 -9.82
CA GLY D 19 -46.57 -47.57 -10.99
C GLY D 19 -45.69 -47.76 -12.20
N ARG D 20 -44.47 -47.21 -12.19
CA ARG D 20 -43.55 -47.32 -13.30
C ARG D 20 -42.34 -48.20 -12.98
N GLY D 21 -42.36 -48.89 -11.85
CA GLY D 21 -41.28 -49.81 -11.50
C GLY D 21 -40.48 -49.40 -10.28
N GLU D 22 -39.32 -50.02 -10.11
CA GLU D 22 -38.48 -49.73 -8.97
C GLU D 22 -37.86 -48.34 -9.14
N PRO D 23 -37.42 -47.70 -8.05
CA PRO D 23 -36.88 -46.34 -8.17
C PRO D 23 -35.64 -46.27 -9.04
N ARG D 24 -35.48 -45.12 -9.69
CA ARG D 24 -34.33 -44.83 -10.54
C ARG D 24 -33.12 -44.43 -9.71
N PHE D 25 -31.97 -45.02 -10.00
CA PHE D 25 -30.73 -44.73 -9.27
C PHE D 25 -29.67 -44.23 -10.25
N ILE D 26 -29.19 -43.01 -10.02
CA ILE D 26 -28.06 -42.45 -10.77
C ILE D 26 -26.98 -41.98 -9.78
N ALA D 27 -25.75 -42.40 -10.02
CA ALA D 27 -24.59 -42.04 -9.22
C ALA D 27 -23.47 -41.56 -10.13
N VAL D 28 -22.83 -40.46 -9.75
CA VAL D 28 -21.73 -39.87 -10.51
C VAL D 28 -20.54 -39.66 -9.59
N GLY D 29 -19.35 -39.84 -10.14
CA GLY D 29 -18.12 -39.70 -9.37
C GLY D 29 -17.28 -38.55 -9.89
N TYR D 30 -16.77 -37.74 -8.97
CA TYR D 30 -16.04 -36.53 -9.34
C TYR D 30 -14.68 -36.49 -8.64
N VAL D 31 -13.67 -36.08 -9.38
CA VAL D 31 -12.41 -35.62 -8.81
C VAL D 31 -12.32 -34.13 -9.13
N ASP D 32 -12.39 -33.30 -8.10
CA ASP D 32 -12.47 -31.84 -8.23
C ASP D 32 -13.72 -31.54 -9.06
N ASP D 33 -13.60 -30.89 -10.22
CA ASP D 33 -14.72 -30.58 -11.10
C ASP D 33 -14.71 -31.43 -12.36
N THR D 34 -14.09 -32.61 -12.29
CA THR D 34 -13.99 -33.52 -13.43
C THR D 34 -14.73 -34.80 -13.07
N GLN D 35 -15.82 -35.08 -13.78
CA GLN D 35 -16.52 -36.34 -13.61
C GLN D 35 -15.71 -37.47 -14.23
N PHE D 36 -15.69 -38.62 -13.57
CA PHE D 36 -14.94 -39.76 -14.11
C PHE D 36 -15.71 -41.07 -14.14
N VAL D 37 -16.77 -41.24 -13.34
CA VAL D 37 -17.57 -42.45 -13.39
C VAL D 37 -19.05 -42.09 -13.30
N ARG D 38 -19.88 -43.08 -13.64
CA ARG D 38 -21.33 -42.96 -13.58
C ARG D 38 -21.92 -44.35 -13.46
N PHE D 39 -23.16 -44.40 -12.99
CA PHE D 39 -23.93 -45.64 -13.02
C PHE D 39 -25.40 -45.27 -13.16
N ASP D 40 -26.04 -45.81 -14.18
CA ASP D 40 -27.46 -45.59 -14.42
C ASP D 40 -28.17 -46.92 -14.26
N SER D 41 -29.06 -47.00 -13.27
CA SER D 41 -29.80 -48.23 -13.03
C SER D 41 -30.71 -48.58 -14.21
N ASP D 42 -31.18 -47.56 -14.93
CA ASP D 42 -31.99 -47.78 -16.11
C ASP D 42 -31.18 -48.14 -17.34
N ALA D 43 -29.86 -47.95 -17.30
CA ALA D 43 -29.03 -48.23 -18.46
C ALA D 43 -28.91 -49.73 -18.68
N ALA D 44 -28.68 -50.11 -19.94
CA ALA D 44 -28.63 -51.53 -20.28
C ALA D 44 -27.35 -52.19 -19.81
N SER D 45 -26.26 -51.42 -19.73
CA SER D 45 -24.97 -51.99 -19.32
C SER D 45 -25.05 -52.58 -17.92
N GLN D 46 -25.81 -51.94 -17.02
CA GLN D 46 -25.90 -52.35 -15.62
C GLN D 46 -24.52 -52.46 -14.97
N ARG D 47 -23.63 -51.54 -15.32
CA ARG D 47 -22.26 -51.53 -14.79
C ARG D 47 -21.77 -50.10 -14.69
N MET D 48 -20.87 -49.86 -13.74
CA MET D 48 -20.20 -48.58 -13.64
C MET D 48 -19.43 -48.31 -14.93
N GLU D 49 -19.65 -47.13 -15.50
CA GLU D 49 -19.10 -46.82 -16.82
C GLU D 49 -18.09 -45.68 -16.73
N PRO D 50 -17.03 -45.72 -17.53
CA PRO D 50 -16.05 -44.63 -17.49
C PRO D 50 -16.58 -43.39 -18.17
N ARG D 51 -16.15 -42.23 -17.67
CA ARG D 51 -16.56 -40.95 -18.22
C ARG D 51 -15.41 -39.97 -18.34
N ALA D 52 -14.18 -40.39 -18.05
CA ALA D 52 -12.96 -39.59 -18.18
C ALA D 52 -11.87 -40.49 -18.73
N PRO D 53 -11.00 -39.96 -19.59
CA PRO D 53 -10.01 -40.83 -20.27
C PRO D 53 -9.04 -41.56 -19.35
N TRP D 54 -8.72 -41.00 -18.18
CA TRP D 54 -7.68 -41.57 -17.33
C TRP D 54 -8.18 -42.67 -16.40
N ILE D 55 -9.49 -42.87 -16.29
CA ILE D 55 -10.05 -43.95 -15.48
C ILE D 55 -10.19 -45.26 -16.26
N GLU D 56 -10.14 -45.21 -17.60
CA GLU D 56 -10.29 -46.41 -18.41
C GLU D 56 -9.15 -47.40 -18.25
N GLN D 57 -7.99 -46.95 -17.84
CA GLN D 57 -6.86 -47.84 -17.66
C GLN D 57 -6.92 -48.69 -16.39
N GLU D 58 -7.96 -48.57 -15.57
CA GLU D 58 -8.05 -49.46 -14.43
C GLU D 58 -8.34 -50.87 -14.91
N GLY D 59 -8.00 -51.85 -14.08
CA GLY D 59 -8.19 -53.23 -14.44
C GLY D 59 -9.65 -53.65 -14.37
N PRO D 60 -9.95 -54.84 -14.89
CA PRO D 60 -11.32 -55.37 -14.74
C PRO D 60 -11.67 -55.70 -13.32
N GLU D 61 -10.65 -55.81 -12.45
CA GLU D 61 -10.88 -55.98 -11.02
C GLU D 61 -11.54 -54.74 -10.44
N TYR D 62 -11.12 -53.56 -10.91
CA TYR D 62 -11.73 -52.30 -10.48
C TYR D 62 -13.18 -52.20 -10.96
N TRP D 63 -13.40 -52.38 -12.26
CA TRP D 63 -14.75 -52.19 -12.81
C TRP D 63 -15.74 -53.20 -12.26
N ASP D 64 -15.29 -54.41 -11.94
CA ASP D 64 -16.19 -55.38 -11.33
C ASP D 64 -16.55 -54.96 -9.91
N GLU D 65 -15.56 -54.49 -9.16
CA GLU D 65 -15.76 -54.19 -7.74
C GLU D 65 -16.58 -52.93 -7.54
N GLU D 66 -16.30 -51.89 -8.34
CA GLU D 66 -17.08 -50.66 -8.23
C GLU D 66 -18.55 -50.89 -8.56
N THR D 67 -18.82 -51.73 -9.56
CA THR D 67 -20.20 -52.06 -9.89
C THR D 67 -20.94 -52.73 -8.73
N GLY D 68 -20.27 -53.66 -8.04
CA GLY D 68 -20.92 -54.36 -6.93
C GLY D 68 -21.24 -53.45 -5.77
N LYS D 69 -20.45 -52.41 -5.58
CA LYS D 69 -20.62 -51.49 -4.46
C LYS D 69 -21.72 -50.47 -4.75
N VAL D 70 -21.82 -50.01 -6.01
CA VAL D 70 -22.84 -49.04 -6.36
C VAL D 70 -24.21 -49.71 -6.47
N LYS D 71 -24.25 -50.99 -6.85
CA LYS D 71 -25.52 -51.70 -6.88
C LYS D 71 -26.05 -51.94 -5.47
N ALA D 72 -25.15 -52.25 -4.52
CA ALA D 72 -25.57 -52.38 -3.13
C ALA D 72 -26.15 -51.07 -2.61
N HIS D 73 -25.53 -49.94 -2.99
CA HIS D 73 -26.04 -48.64 -2.59
C HIS D 73 -27.45 -48.41 -3.11
N SER D 74 -27.69 -48.67 -4.39
CA SER D 74 -29.00 -48.42 -5.00
C SER D 74 -30.11 -49.19 -4.28
N GLN D 75 -29.87 -50.46 -3.95
CA GLN D 75 -30.88 -51.24 -3.25
C GLN D 75 -30.97 -50.85 -1.78
N THR D 76 -29.88 -50.36 -1.20
CA THR D 76 -29.96 -49.86 0.17
C THR D 76 -30.80 -48.59 0.22
N ASP D 77 -30.58 -47.68 -0.73
CA ASP D 77 -31.37 -46.45 -0.80
C ASP D 77 -32.78 -46.71 -1.33
N ARG D 78 -33.01 -47.87 -1.97
CA ARG D 78 -34.36 -48.24 -2.35
C ARG D 78 -35.18 -48.60 -1.12
N GLU D 79 -34.57 -49.31 -0.17
CA GLU D 79 -35.19 -49.56 1.12
C GLU D 79 -35.31 -48.29 1.96
N ASN D 80 -34.35 -47.37 1.81
CA ASN D 80 -34.41 -46.13 2.58
C ASN D 80 -35.57 -45.25 2.14
N LEU D 81 -35.91 -45.25 0.84
CA LEU D 81 -37.05 -44.48 0.38
C LEU D 81 -38.34 -44.93 1.05
N ARG D 82 -38.48 -46.24 1.27
CA ARG D 82 -39.67 -46.75 1.93
C ARG D 82 -39.63 -46.54 3.44
N ILE D 83 -38.44 -46.60 4.05
CA ILE D 83 -38.34 -46.25 5.46
C ILE D 83 -38.66 -44.77 5.67
N ALA D 84 -38.25 -43.93 4.72
CA ALA D 84 -38.60 -42.51 4.79
C ALA D 84 -40.10 -42.31 4.70
N LEU D 85 -40.78 -43.09 3.84
CA LEU D 85 -42.23 -43.01 3.73
C LEU D 85 -42.90 -43.28 5.07
N ARG D 86 -42.37 -44.24 5.83
CA ARG D 86 -42.92 -44.57 7.14
C ARG D 86 -42.63 -43.47 8.15
N TYR D 87 -41.42 -42.89 8.08
CA TYR D 87 -41.06 -41.84 9.03
C TYR D 87 -41.91 -40.59 8.85
N TYR D 88 -42.27 -40.25 7.61
CA TYR D 88 -42.97 -39.02 7.33
C TYR D 88 -44.46 -39.20 7.06
N ASN D 89 -44.99 -40.43 7.19
CA ASN D 89 -46.39 -40.72 6.92
C ASN D 89 -46.80 -40.27 5.52
N GLN D 90 -46.05 -40.74 4.52
CA GLN D 90 -46.36 -40.45 3.12
C GLN D 90 -46.80 -41.74 2.44
N SER D 91 -47.58 -41.59 1.37
CA SER D 91 -48.18 -42.74 0.70
C SER D 91 -47.24 -43.30 -0.36
N GLU D 92 -47.54 -44.52 -0.81
CA GLU D 92 -46.72 -45.18 -1.82
C GLU D 92 -47.00 -44.66 -3.23
N ALA D 93 -47.88 -43.66 -3.38
CA ALA D 93 -48.19 -43.09 -4.69
C ALA D 93 -47.36 -41.84 -4.98
N GLY D 94 -46.67 -41.29 -3.98
CA GLY D 94 -45.90 -40.08 -4.17
C GLY D 94 -44.50 -40.37 -4.68
N SER D 95 -44.03 -39.53 -5.59
CA SER D 95 -42.65 -39.60 -6.06
C SER D 95 -41.76 -38.85 -5.08
N HIS D 96 -40.67 -39.50 -4.65
CA HIS D 96 -39.78 -38.89 -3.69
C HIS D 96 -38.33 -39.11 -4.11
N THR D 97 -37.45 -38.29 -3.54
CA THR D 97 -36.05 -38.26 -3.92
C THR D 97 -35.19 -38.41 -2.67
N LEU D 98 -34.19 -39.28 -2.75
CA LEU D 98 -33.17 -39.42 -1.72
C LEU D 98 -31.82 -39.18 -2.38
N GLN D 99 -31.08 -38.21 -1.86
CA GLN D 99 -29.79 -37.82 -2.41
C GLN D 99 -28.71 -38.09 -1.37
N MET D 100 -27.56 -38.57 -1.83
CA MET D 100 -26.43 -38.85 -0.97
C MET D 100 -25.16 -38.23 -1.56
N MET D 101 -24.32 -37.69 -0.69
CA MET D 101 -23.00 -37.21 -1.07
C MET D 101 -21.99 -37.73 -0.07
N PHE D 102 -20.89 -38.30 -0.56
CA PHE D 102 -19.79 -38.71 0.29
C PHE D 102 -18.49 -38.53 -0.47
N GLY D 103 -17.40 -38.41 0.29
CA GLY D 103 -16.09 -38.20 -0.30
C GLY D 103 -15.15 -37.62 0.73
N CYS D 104 -13.96 -37.27 0.26
CA CYS D 104 -12.89 -36.79 1.13
C CYS D 104 -12.15 -35.65 0.46
N ASP D 105 -11.44 -34.89 1.29
CA ASP D 105 -10.54 -33.82 0.84
C ASP D 105 -9.13 -34.18 1.26
N VAL D 106 -8.16 -33.87 0.40
CA VAL D 106 -6.76 -34.05 0.74
C VAL D 106 -6.01 -32.75 0.50
N GLY D 107 -4.83 -32.64 1.13
CA GLY D 107 -4.03 -31.44 1.04
C GLY D 107 -3.01 -31.50 -0.08
N SER D 108 -2.19 -30.44 -0.14
CA SER D 108 -1.17 -30.35 -1.17
C SER D 108 -0.18 -31.52 -1.07
N ASP D 109 0.14 -31.95 0.14
CA ASP D 109 0.99 -33.13 0.28
C ASP D 109 0.22 -34.44 0.13
N GLY D 110 -1.10 -34.39 0.03
CA GLY D 110 -1.90 -35.60 -0.08
C GLY D 110 -2.36 -36.17 1.23
N ARG D 111 -2.43 -35.37 2.28
CA ARG D 111 -2.87 -35.81 3.60
C ARG D 111 -4.37 -35.59 3.77
N PHE D 112 -4.98 -36.44 4.59
CA PHE D 112 -6.40 -36.31 4.88
C PHE D 112 -6.70 -34.95 5.48
N LEU D 113 -7.76 -34.30 4.98
CA LEU D 113 -8.18 -33.00 5.49
C LEU D 113 -9.58 -33.07 6.09
N ARG D 114 -10.57 -33.47 5.29
CA ARG D 114 -11.97 -33.48 5.72
C ARG D 114 -12.68 -34.68 5.13
N GLY D 115 -13.79 -35.05 5.75
CA GLY D 115 -14.62 -36.13 5.27
C GLY D 115 -16.06 -35.69 5.24
N TYR D 116 -16.82 -36.29 4.33
CA TYR D 116 -18.20 -35.89 4.09
C TYR D 116 -19.08 -37.12 3.94
N HIS D 117 -20.28 -37.06 4.52
CA HIS D 117 -21.22 -38.16 4.44
C HIS D 117 -22.60 -37.68 4.83
N GLN D 118 -23.33 -37.08 3.89
CA GLN D 118 -24.59 -36.40 4.17
C GLN D 118 -25.70 -36.91 3.25
N TYR D 119 -26.93 -36.75 3.73
CA TYR D 119 -28.14 -37.19 3.04
C TYR D 119 -29.13 -36.05 2.91
N ALA D 120 -29.98 -36.14 1.88
CA ALA D 120 -31.09 -35.23 1.69
C ALA D 120 -32.31 -36.00 1.20
N TYR D 121 -33.48 -35.68 1.76
CA TYR D 121 -34.74 -36.27 1.34
C TYR D 121 -35.63 -35.17 0.76
N ASP D 122 -36.00 -35.32 -0.52
CA ASP D 122 -36.86 -34.36 -1.21
C ASP D 122 -36.25 -32.96 -1.23
N GLY D 123 -34.93 -32.89 -1.36
CA GLY D 123 -34.28 -31.62 -1.52
C GLY D 123 -33.99 -30.87 -0.24
N LYS D 124 -34.13 -31.51 0.91
CA LYS D 124 -33.84 -30.90 2.20
C LYS D 124 -32.90 -31.80 2.98
N ASP D 125 -32.05 -31.16 3.78
CA ASP D 125 -31.09 -31.89 4.60
C ASP D 125 -31.81 -32.98 5.41
N TYR D 126 -31.28 -34.20 5.33
CA TYR D 126 -31.78 -35.25 6.20
C TYR D 126 -30.80 -35.44 7.34
N ILE D 127 -29.66 -36.09 7.07
CA ILE D 127 -28.63 -36.22 8.09
C ILE D 127 -27.29 -36.00 7.43
N ALA D 128 -26.34 -35.47 8.21
CA ALA D 128 -25.00 -35.22 7.71
C ALA D 128 -23.99 -35.57 8.80
N LEU D 129 -22.86 -36.12 8.38
CA LEU D 129 -21.75 -36.31 9.29
C LEU D 129 -21.02 -34.98 9.50
N LYS D 130 -20.80 -34.64 10.75
CA LYS D 130 -20.15 -33.40 11.16
C LYS D 130 -18.65 -33.46 10.90
N GLU D 131 -18.00 -32.30 11.02
CA GLU D 131 -16.59 -32.18 10.65
C GLU D 131 -15.68 -32.97 11.58
N ASP D 132 -16.11 -33.21 12.83
CA ASP D 132 -15.31 -34.04 13.73
C ASP D 132 -15.32 -35.51 13.35
N LEU D 133 -16.17 -35.88 12.39
CA LEU D 133 -16.30 -37.26 11.89
C LEU D 133 -16.64 -38.24 13.01
N ARG D 134 -17.38 -37.77 14.01
CA ARG D 134 -17.80 -38.59 15.14
C ARG D 134 -19.26 -38.43 15.51
N SER D 135 -19.89 -37.29 15.19
CA SER D 135 -21.26 -37.01 15.55
C SER D 135 -22.06 -36.65 14.30
N TRP D 136 -23.38 -36.68 14.45
CA TRP D 136 -24.30 -36.52 13.33
C TRP D 136 -25.18 -35.28 13.53
N THR D 137 -25.57 -34.68 12.41
CA THR D 137 -26.48 -33.54 12.39
C THR D 137 -27.81 -34.00 11.81
N ALA D 138 -28.83 -34.05 12.66
CA ALA D 138 -30.17 -34.44 12.23
C ALA D 138 -31.00 -33.18 12.01
N ALA D 139 -31.60 -33.08 10.82
CA ALA D 139 -32.29 -31.84 10.47
C ALA D 139 -33.70 -31.79 11.02
N ASP D 140 -34.30 -32.95 11.26
CA ASP D 140 -35.62 -33.01 11.87
C ASP D 140 -35.70 -34.30 12.68
N MET D 141 -36.83 -34.48 13.36
CA MET D 141 -36.98 -35.63 14.24
C MET D 141 -37.07 -36.95 13.49
N ALA D 142 -37.22 -36.91 12.17
CA ALA D 142 -37.22 -38.18 11.42
C ALA D 142 -35.80 -38.75 11.43
N ALA D 143 -34.82 -37.89 11.14
CA ALA D 143 -33.41 -38.33 11.20
C ALA D 143 -33.01 -38.50 12.66
N GLN D 144 -33.61 -37.71 13.55
CA GLN D 144 -33.31 -37.91 14.99
C GLN D 144 -33.46 -39.40 15.28
N ILE D 145 -34.35 -40.09 14.55
CA ILE D 145 -34.48 -41.56 14.73
C ILE D 145 -33.21 -42.19 14.14
N THR D 146 -32.91 -41.87 12.89
CA THR D 146 -31.72 -42.47 12.30
C THR D 146 -30.46 -42.11 13.09
N LYS D 147 -30.38 -40.88 13.61
CA LYS D 147 -29.21 -40.46 14.36
C LYS D 147 -29.01 -41.28 15.63
N ARG D 148 -30.08 -41.50 16.38
CA ARG D 148 -29.98 -42.38 17.58
C ARG D 148 -29.56 -43.78 17.14
N LYS D 149 -30.12 -44.26 16.02
CA LYS D 149 -29.81 -45.59 15.53
C LYS D 149 -28.34 -45.69 15.13
N TRP D 150 -27.85 -44.69 14.40
CA TRP D 150 -26.47 -44.70 13.91
C TRP D 150 -25.44 -44.41 15.00
N GLU D 151 -25.84 -43.76 16.10
CA GLU D 151 -24.91 -43.58 17.22
C GLU D 151 -24.72 -44.88 18.00
N ALA D 152 -25.80 -45.64 18.18
CA ALA D 152 -25.68 -46.93 18.84
C ALA D 152 -24.84 -47.89 18.02
N ALA D 153 -24.97 -47.80 16.70
CA ALA D 153 -24.23 -48.65 15.76
C ALA D 153 -22.81 -48.20 15.52
N HIS D 154 -22.42 -47.04 16.08
CA HIS D 154 -21.09 -46.49 15.91
C HIS D 154 -20.80 -46.32 14.42
N VAL D 155 -21.81 -45.85 13.67
CA VAL D 155 -21.68 -45.75 12.22
C VAL D 155 -20.66 -44.68 11.84
N ALA D 156 -20.53 -43.64 12.66
CA ALA D 156 -19.59 -42.56 12.35
C ALA D 156 -18.16 -43.11 12.26
N GLU D 157 -17.78 -43.95 13.22
CA GLU D 157 -16.45 -44.57 13.17
C GLU D 157 -16.31 -45.47 11.95
N GLN D 158 -17.34 -46.24 11.64
CA GLN D 158 -17.26 -47.18 10.52
C GLN D 158 -17.01 -46.48 9.21
N GLN D 159 -17.55 -45.27 9.05
CA GLN D 159 -17.34 -44.51 7.82
C GLN D 159 -15.94 -43.92 7.78
N ARG D 160 -15.42 -43.45 8.92
CA ARG D 160 -14.09 -42.85 8.92
C ARG D 160 -13.06 -43.81 8.32
N ALA D 161 -13.26 -45.11 8.47
CA ALA D 161 -12.38 -46.07 7.83
C ALA D 161 -12.35 -45.88 6.32
N TYR D 162 -13.52 -45.76 5.69
CA TYR D 162 -13.56 -45.50 4.25
C TYR D 162 -12.98 -44.14 3.92
N LEU D 163 -13.45 -43.09 4.61
CA LEU D 163 -13.03 -41.73 4.26
C LEU D 163 -11.54 -41.53 4.44
N GLU D 164 -10.97 -42.05 5.52
CA GLU D 164 -9.54 -41.94 5.74
C GLU D 164 -8.73 -42.98 4.99
N GLY D 165 -9.36 -44.01 4.44
CA GLY D 165 -8.64 -45.10 3.83
C GLY D 165 -8.85 -45.21 2.33
N THR D 166 -9.85 -46.00 1.93
CA THR D 166 -10.12 -46.21 0.51
C THR D 166 -10.30 -44.89 -0.25
N CYS D 167 -10.90 -43.90 0.41
CA CYS D 167 -11.18 -42.63 -0.25
C CYS D 167 -9.89 -41.90 -0.61
N VAL D 168 -8.98 -41.74 0.35
CA VAL D 168 -7.75 -41.01 0.09
C VAL D 168 -6.86 -41.78 -0.87
N ASP D 169 -6.75 -43.10 -0.68
CA ASP D 169 -5.94 -43.93 -1.57
C ASP D 169 -6.43 -43.84 -3.01
N GLY D 170 -7.75 -43.89 -3.22
CA GLY D 170 -8.27 -43.79 -4.57
C GLY D 170 -8.02 -42.44 -5.19
N LEU D 171 -8.24 -41.36 -4.42
CA LEU D 171 -8.06 -40.02 -4.94
C LEU D 171 -6.62 -39.81 -5.38
N ARG D 172 -5.65 -40.22 -4.55
CA ARG D 172 -4.23 -40.12 -4.92
C ARG D 172 -3.94 -40.82 -6.24
N ARG D 173 -4.43 -42.06 -6.40
CA ARG D 173 -4.14 -42.79 -7.62
C ARG D 173 -4.80 -42.13 -8.82
N TYR D 174 -6.03 -41.63 -8.66
CA TYR D 174 -6.66 -40.85 -9.72
C TYR D 174 -5.88 -39.57 -10.00
N LEU D 175 -5.27 -38.98 -8.96
CA LEU D 175 -4.47 -37.77 -9.16
C LEU D 175 -3.21 -38.09 -9.96
N GLU D 176 -2.61 -39.25 -9.71
CA GLU D 176 -1.41 -39.64 -10.46
C GLU D 176 -1.75 -39.92 -11.92
N ASN D 177 -2.75 -40.76 -12.15
CA ASN D 177 -3.08 -41.15 -13.52
C ASN D 177 -3.77 -40.05 -14.30
N GLY D 178 -4.53 -39.18 -13.64
CA GLY D 178 -5.12 -38.08 -14.36
C GLY D 178 -4.33 -36.80 -14.16
N LYS D 179 -3.05 -36.95 -13.82
CA LYS D 179 -2.18 -35.81 -13.54
C LYS D 179 -2.22 -34.77 -14.66
N GLU D 180 -2.13 -35.21 -15.91
CA GLU D 180 -2.07 -34.29 -17.03
C GLU D 180 -3.33 -33.42 -17.12
N THR D 181 -4.47 -33.94 -16.67
CA THR D 181 -5.73 -33.20 -16.73
C THR D 181 -6.20 -32.69 -15.37
N LEU D 182 -6.07 -33.48 -14.30
CA LEU D 182 -6.56 -33.04 -12.99
C LEU D 182 -5.60 -32.07 -12.31
N GLN D 183 -4.28 -32.29 -12.40
CA GLN D 183 -3.32 -31.38 -11.76
C GLN D 183 -3.09 -30.12 -12.57
N ARG D 184 -4.15 -29.51 -13.05
CA ARG D 184 -4.06 -28.30 -13.84
C ARG D 184 -4.92 -27.21 -13.25
N THR D 185 -4.56 -25.97 -13.61
CA THR D 185 -5.41 -24.81 -13.40
C THR D 185 -5.34 -23.97 -14.67
N ASP D 186 -6.48 -23.45 -15.09
CA ASP D 186 -6.58 -22.55 -16.24
C ASP D 186 -7.10 -21.21 -15.76
N PRO D 187 -6.28 -20.15 -15.79
CA PRO D 187 -6.77 -18.85 -15.39
C PRO D 187 -7.89 -18.41 -16.32
N PRO D 188 -8.89 -17.70 -15.81
CA PRO D 188 -9.97 -17.25 -16.70
C PRO D 188 -9.43 -16.22 -17.68
N LYS D 189 -9.92 -16.29 -18.92
CA LYS D 189 -9.58 -15.27 -19.91
C LYS D 189 -10.73 -14.28 -19.91
N THR D 190 -10.45 -13.07 -19.44
CA THR D 190 -11.48 -12.09 -19.18
C THR D 190 -11.55 -11.05 -20.29
N HIS D 191 -12.77 -10.57 -20.51
CA HIS D 191 -13.06 -9.52 -21.47
C HIS D 191 -14.40 -8.92 -21.08
N MET D 192 -14.66 -7.72 -21.58
CA MET D 192 -15.84 -6.97 -21.17
C MET D 192 -16.56 -6.46 -22.41
N THR D 193 -17.88 -6.34 -22.29
CA THR D 193 -18.70 -5.88 -23.40
C THR D 193 -19.53 -4.69 -22.94
N HIS D 194 -20.01 -3.94 -23.93
CA HIS D 194 -20.78 -2.73 -23.70
C HIS D 194 -21.98 -2.75 -24.63
N HIS D 195 -23.15 -2.47 -24.08
CA HIS D 195 -24.35 -2.50 -24.91
C HIS D 195 -25.27 -1.38 -24.45
N PRO D 196 -25.53 -0.39 -25.31
CA PRO D 196 -26.48 0.67 -24.92
C PRO D 196 -27.90 0.13 -24.81
N ILE D 197 -28.62 0.61 -23.81
CA ILE D 197 -30.00 0.22 -23.60
C ILE D 197 -30.96 1.39 -23.58
N SER D 198 -30.48 2.61 -23.33
CA SER D 198 -31.27 3.82 -23.52
C SER D 198 -30.34 4.81 -24.22
N ASP D 199 -30.70 6.10 -24.16
CA ASP D 199 -29.73 7.14 -24.45
C ASP D 199 -28.92 7.51 -23.22
N HIS D 200 -29.34 7.08 -22.03
CA HIS D 200 -28.73 7.47 -20.78
C HIS D 200 -28.08 6.34 -20.00
N GLU D 201 -28.29 5.08 -20.41
CA GLU D 201 -27.76 3.95 -19.68
C GLU D 201 -27.18 2.92 -20.64
N ALA D 202 -26.33 2.05 -20.10
CA ALA D 202 -25.72 0.99 -20.89
C ALA D 202 -25.45 -0.20 -19.98
N THR D 203 -25.26 -1.37 -20.62
CA THR D 203 -25.03 -2.62 -19.91
C THR D 203 -23.57 -3.01 -20.06
N LEU D 204 -22.87 -3.13 -18.94
CA LEU D 204 -21.49 -3.62 -18.91
C LEU D 204 -21.52 -5.07 -18.42
N ARG D 205 -21.02 -5.99 -19.25
CA ARG D 205 -20.98 -7.40 -18.92
C ARG D 205 -19.53 -7.86 -18.82
N CYS D 206 -19.14 -8.29 -17.63
CA CYS D 206 -17.80 -8.83 -17.37
C CYS D 206 -17.81 -10.32 -17.66
N TRP D 207 -16.81 -10.80 -18.39
CA TRP D 207 -16.77 -12.19 -18.83
C TRP D 207 -15.54 -12.88 -18.26
N ALA D 208 -15.73 -14.10 -17.76
CA ALA D 208 -14.65 -15.00 -17.41
C ALA D 208 -14.89 -16.31 -18.14
N LEU D 209 -13.96 -16.69 -19.01
CA LEU D 209 -14.14 -17.84 -19.89
C LEU D 209 -12.95 -18.77 -19.81
N GLY D 210 -13.21 -20.06 -20.02
CA GLY D 210 -12.16 -21.05 -20.15
C GLY D 210 -11.34 -21.31 -18.89
N PHE D 211 -11.97 -21.24 -17.72
CA PHE D 211 -11.22 -21.42 -16.48
C PHE D 211 -11.54 -22.76 -15.84
N TYR D 212 -10.52 -23.35 -15.21
CA TYR D 212 -10.62 -24.58 -14.46
C TYR D 212 -9.62 -24.35 -13.32
N PRO D 213 -10.00 -24.64 -12.07
CA PRO D 213 -11.29 -25.18 -11.62
C PRO D 213 -12.45 -24.19 -11.70
N ALA D 214 -13.64 -24.55 -11.21
CA ALA D 214 -14.83 -23.73 -11.38
C ALA D 214 -14.99 -22.67 -10.31
N GLU D 215 -14.27 -22.77 -9.19
CA GLU D 215 -14.31 -21.73 -8.16
C GLU D 215 -13.86 -20.39 -8.74
N ILE D 216 -14.75 -19.40 -8.68
CA ILE D 216 -14.47 -18.07 -9.21
C ILE D 216 -15.34 -17.08 -8.47
N THR D 217 -14.89 -15.83 -8.40
CA THR D 217 -15.65 -14.75 -7.79
C THR D 217 -15.69 -13.59 -8.78
N LEU D 218 -16.89 -13.16 -9.14
CA LEU D 218 -17.09 -12.01 -10.00
C LEU D 218 -17.80 -10.93 -9.21
N THR D 219 -17.16 -9.77 -9.08
CA THR D 219 -17.68 -8.67 -8.30
C THR D 219 -17.72 -7.41 -9.15
N TRP D 220 -18.73 -6.58 -8.90
CA TRP D 220 -18.82 -5.27 -9.51
C TRP D 220 -18.70 -4.21 -8.41
N GLN D 221 -17.83 -3.23 -8.63
CA GLN D 221 -17.61 -2.15 -7.69
C GLN D 221 -17.74 -0.82 -8.41
N ARG D 222 -18.54 0.08 -7.84
CA ARG D 222 -18.62 1.45 -8.31
C ARG D 222 -17.91 2.34 -7.29
N ASP D 223 -16.89 3.06 -7.73
CA ASP D 223 -16.12 3.97 -6.88
C ASP D 223 -15.47 3.23 -5.72
N GLY D 224 -15.03 2.00 -5.96
CA GLY D 224 -14.39 1.22 -4.92
C GLY D 224 -15.36 0.66 -3.90
N GLU D 225 -16.65 0.69 -4.20
CA GLU D 225 -17.68 0.25 -3.27
C GLU D 225 -18.49 -0.85 -3.94
N ASP D 226 -18.66 -1.97 -3.24
CA ASP D 226 -19.39 -3.10 -3.79
C ASP D 226 -20.80 -2.70 -4.22
N GLN D 227 -21.14 -3.07 -5.45
CA GLN D 227 -22.44 -2.82 -6.05
C GLN D 227 -23.14 -4.17 -6.23
N THR D 228 -23.00 -5.01 -5.21
CA THR D 228 -23.45 -6.40 -5.26
C THR D 228 -24.97 -6.51 -5.36
N GLN D 229 -25.72 -5.57 -4.79
CA GLN D 229 -27.17 -5.71 -4.79
C GLN D 229 -27.78 -5.24 -6.11
N ASP D 230 -26.98 -4.66 -7.02
CA ASP D 230 -27.52 -4.14 -8.28
C ASP D 230 -26.89 -4.81 -9.50
N THR D 231 -26.23 -5.95 -9.31
CA THR D 231 -25.55 -6.66 -10.38
C THR D 231 -26.30 -7.93 -10.72
N GLU D 232 -26.28 -8.30 -12.01
CA GLU D 232 -26.85 -9.55 -12.46
C GLU D 232 -25.69 -10.51 -12.63
N LEU D 233 -25.72 -11.62 -11.90
CA LEU D 233 -24.64 -12.59 -11.88
C LEU D 233 -25.22 -13.96 -12.21
N VAL D 234 -24.70 -14.60 -13.23
CA VAL D 234 -25.20 -15.90 -13.66
C VAL D 234 -24.43 -16.99 -12.93
N GLU D 235 -25.07 -18.15 -12.82
CA GLU D 235 -24.42 -19.29 -12.18
C GLU D 235 -23.23 -19.73 -13.02
N THR D 236 -22.17 -20.18 -12.37
CA THR D 236 -21.04 -20.72 -13.10
C THR D 236 -21.50 -21.89 -13.95
N ARG D 237 -21.10 -21.88 -15.21
CA ARG D 237 -21.62 -22.87 -16.14
C ARG D 237 -20.48 -23.60 -16.84
N PRO D 238 -20.65 -24.88 -17.14
CA PRO D 238 -19.65 -25.60 -17.92
C PRO D 238 -19.78 -25.31 -19.40
N ALA D 239 -18.64 -25.31 -20.08
CA ALA D 239 -18.63 -25.07 -21.51
C ALA D 239 -18.73 -26.35 -22.32
N GLY D 240 -18.42 -27.50 -21.71
CA GLY D 240 -18.47 -28.78 -22.39
C GLY D 240 -17.13 -29.33 -22.80
N ASP D 241 -16.07 -28.52 -22.74
CA ASP D 241 -14.73 -28.94 -23.14
C ASP D 241 -13.82 -29.13 -21.94
N GLY D 242 -14.37 -29.15 -20.72
CA GLY D 242 -13.60 -29.25 -19.51
C GLY D 242 -13.33 -27.92 -18.81
N THR D 243 -13.69 -26.80 -19.42
CA THR D 243 -13.54 -25.49 -18.81
C THR D 243 -14.91 -24.91 -18.50
N PHE D 244 -14.91 -23.78 -17.79
CA PHE D 244 -16.15 -23.18 -17.30
C PHE D 244 -16.22 -21.72 -17.72
N GLN D 245 -17.41 -21.14 -17.50
CA GLN D 245 -17.73 -19.79 -17.92
C GLN D 245 -18.63 -19.15 -16.87
N LYS D 246 -18.50 -17.83 -16.73
CA LYS D 246 -19.36 -17.05 -15.85
C LYS D 246 -19.30 -15.60 -16.32
N TRP D 247 -20.40 -14.88 -16.12
CA TRP D 247 -20.40 -13.46 -16.42
C TRP D 247 -21.22 -12.70 -15.38
N ALA D 248 -20.89 -11.42 -15.26
CA ALA D 248 -21.55 -10.50 -14.34
C ALA D 248 -21.83 -9.20 -15.08
N ALA D 249 -22.99 -8.62 -14.83
CA ALA D 249 -23.40 -7.43 -15.55
C ALA D 249 -23.89 -6.35 -14.59
N VAL D 250 -23.74 -5.10 -15.01
CA VAL D 250 -24.25 -3.95 -14.29
C VAL D 250 -24.75 -2.93 -15.30
N VAL D 251 -25.77 -2.16 -14.92
CA VAL D 251 -26.33 -1.10 -15.74
C VAL D 251 -25.75 0.22 -15.26
N VAL D 252 -25.00 0.90 -16.11
CA VAL D 252 -24.28 2.11 -15.72
C VAL D 252 -24.86 3.32 -16.44
N PRO D 253 -24.74 4.52 -15.87
CA PRO D 253 -25.14 5.73 -16.62
C PRO D 253 -24.11 6.06 -17.70
N SER D 254 -24.62 6.56 -18.83
CA SER D 254 -23.74 6.91 -19.94
C SER D 254 -22.75 7.98 -19.54
N GLY D 255 -21.47 7.74 -19.83
CA GLY D 255 -20.40 8.64 -19.48
C GLY D 255 -19.73 8.35 -18.16
N GLU D 256 -20.37 7.58 -17.29
CA GLU D 256 -19.81 7.20 -15.99
C GLU D 256 -19.34 5.74 -15.95
N GLU D 257 -18.97 5.16 -17.10
CA GLU D 257 -18.66 3.72 -17.12
C GLU D 257 -17.38 3.38 -16.35
N GLN D 258 -16.29 4.11 -16.60
CA GLN D 258 -15.02 3.81 -15.94
C GLN D 258 -15.08 3.86 -14.41
N ARG D 259 -16.12 4.42 -13.83
CA ARG D 259 -16.23 4.40 -12.37
C ARG D 259 -16.59 3.02 -11.85
N TYR D 260 -16.97 2.11 -12.73
CA TYR D 260 -17.35 0.75 -12.35
C TYR D 260 -16.19 -0.18 -12.66
N THR D 261 -15.94 -1.13 -11.75
CA THR D 261 -14.83 -2.07 -11.91
C THR D 261 -15.29 -3.48 -11.58
N CYS D 262 -14.82 -4.43 -12.39
CA CYS D 262 -15.11 -5.85 -12.20
C CYS D 262 -13.89 -6.52 -11.59
N HIS D 263 -14.09 -7.29 -10.52
CA HIS D 263 -12.98 -7.87 -9.79
C HIS D 263 -13.06 -9.38 -9.86
N VAL D 264 -11.96 -10.01 -10.28
CA VAL D 264 -11.92 -11.42 -10.64
C VAL D 264 -10.92 -12.14 -9.77
N GLN D 265 -11.37 -13.17 -9.05
CA GLN D 265 -10.50 -14.01 -8.23
C GLN D 265 -10.64 -15.47 -8.66
N HIS D 266 -9.51 -16.13 -8.82
CA HIS D 266 -9.47 -17.52 -9.28
C HIS D 266 -8.06 -18.05 -8.99
N GLU D 267 -7.97 -19.31 -8.53
CA GLU D 267 -6.69 -19.83 -8.08
C GLU D 267 -5.65 -19.91 -9.19
N GLY D 268 -6.03 -19.69 -10.44
CA GLY D 268 -5.07 -19.60 -11.51
C GLY D 268 -4.52 -18.22 -11.76
N LEU D 269 -5.05 -17.21 -11.06
CA LEU D 269 -4.55 -15.85 -11.21
C LEU D 269 -3.55 -15.55 -10.11
N PRO D 270 -2.35 -15.08 -10.45
CA PRO D 270 -1.40 -14.68 -9.39
C PRO D 270 -1.95 -13.59 -8.49
N LYS D 271 -2.60 -12.58 -9.07
CA LYS D 271 -3.27 -11.53 -8.31
C LYS D 271 -4.66 -11.30 -8.88
N PRO D 272 -5.60 -10.91 -8.02
CA PRO D 272 -6.95 -10.57 -8.49
C PRO D 272 -6.94 -9.51 -9.58
N LEU D 273 -7.78 -9.72 -10.59
CA LEU D 273 -7.85 -8.83 -11.73
C LEU D 273 -8.89 -7.74 -11.46
N THR D 274 -8.56 -6.52 -11.88
CA THR D 274 -9.50 -5.40 -11.85
C THR D 274 -9.72 -4.95 -13.28
N LEU D 275 -10.98 -4.97 -13.73
CA LEU D 275 -11.29 -4.71 -15.12
C LEU D 275 -12.18 -3.48 -15.29
N ARG D 276 -11.88 -2.71 -16.34
CA ARG D 276 -12.60 -1.51 -16.70
C ARG D 276 -13.03 -1.58 -18.16
N TRP D 277 -14.12 -0.91 -18.50
CA TRP D 277 -14.53 -0.83 -19.89
C TRP D 277 -13.52 0.06 -20.61
N GLU D 278 -12.73 -0.55 -21.48
CA GLU D 278 -11.70 0.12 -22.27
C GLU D 278 -12.15 0.13 -23.73
N PRO D 279 -12.89 1.14 -24.16
CA PRO D 279 -13.34 1.18 -25.56
C PRO D 279 -12.17 1.10 -26.52
N GLY D 280 -12.29 0.22 -27.51
CA GLY D 280 -11.31 0.05 -28.58
C GLY D 280 -9.85 0.09 -28.18
N GLN E 3 -41.13 -27.25 -6.03
CA GLN E 3 -40.12 -26.70 -5.08
C GLN E 3 -39.27 -25.63 -5.79
N ARG E 4 -38.09 -25.99 -6.30
CA ARG E 4 -37.19 -25.00 -6.94
C ARG E 4 -37.38 -25.01 -8.46
N THR E 5 -37.48 -23.82 -9.06
CA THR E 5 -37.72 -23.67 -10.50
C THR E 5 -36.37 -23.67 -11.24
N PRO E 6 -36.28 -24.27 -12.43
CA PRO E 6 -34.97 -24.35 -13.09
C PRO E 6 -34.49 -22.98 -13.58
N LYS E 7 -33.22 -22.72 -13.35
CA LYS E 7 -32.54 -21.58 -13.97
C LYS E 7 -31.89 -22.04 -15.27
N ILE E 8 -32.25 -21.36 -16.36
CA ILE E 8 -31.98 -21.81 -17.70
C ILE E 8 -30.94 -20.88 -18.32
N GLN E 9 -29.92 -21.47 -18.95
CA GLN E 9 -28.85 -20.70 -19.58
C GLN E 9 -28.54 -21.33 -20.92
N VAL E 10 -28.92 -20.65 -22.00
CA VAL E 10 -28.57 -21.05 -23.37
C VAL E 10 -27.39 -20.21 -23.84
N TYR E 11 -26.36 -20.87 -24.34
CA TYR E 11 -25.11 -20.19 -24.69
C TYR E 11 -24.30 -21.08 -25.61
N SER E 12 -23.35 -20.45 -26.29
CA SER E 12 -22.41 -21.15 -27.15
C SER E 12 -21.13 -21.48 -26.37
N ARG E 13 -20.49 -22.59 -26.71
CA ARG E 13 -19.23 -22.98 -26.03
C ARG E 13 -18.14 -21.99 -26.45
N HIS E 14 -17.70 -22.09 -27.70
CA HIS E 14 -16.70 -21.14 -28.24
C HIS E 14 -17.45 -19.86 -28.65
N PRO E 15 -16.76 -18.72 -28.84
CA PRO E 15 -17.42 -17.48 -29.27
C PRO E 15 -18.09 -17.67 -30.62
N ALA E 16 -19.36 -17.27 -30.69
CA ALA E 16 -20.14 -17.52 -31.89
C ALA E 16 -19.54 -16.76 -33.08
N GLU E 17 -19.44 -17.46 -34.20
CA GLU E 17 -18.95 -16.89 -35.45
C GLU E 17 -19.76 -17.50 -36.57
N ASN E 18 -20.11 -16.69 -37.57
CA ASN E 18 -21.05 -17.17 -38.58
C ASN E 18 -20.33 -18.11 -39.53
N GLY E 19 -20.95 -19.25 -39.82
CA GLY E 19 -20.34 -20.23 -40.68
C GLY E 19 -19.33 -21.13 -40.02
N LYS E 20 -18.88 -20.79 -38.82
CA LYS E 20 -17.85 -21.54 -38.09
C LYS E 20 -18.47 -22.49 -37.08
N SER E 21 -18.03 -23.75 -37.13
CA SER E 21 -18.56 -24.80 -36.23
C SER E 21 -18.45 -24.36 -34.78
N ASN E 22 -19.33 -24.88 -33.93
CA ASN E 22 -19.35 -24.49 -32.49
C ASN E 22 -20.14 -25.56 -31.74
N PHE E 23 -20.47 -25.29 -30.48
CA PHE E 23 -21.33 -26.22 -29.71
C PHE E 23 -22.39 -25.40 -29.00
N LEU E 24 -23.66 -25.66 -29.28
CA LEU E 24 -24.76 -24.95 -28.60
C LEU E 24 -25.04 -25.67 -27.28
N ASN E 25 -25.06 -24.93 -26.19
CA ASN E 25 -25.26 -25.50 -24.86
C ASN E 25 -26.50 -24.92 -24.20
N CYS E 26 -27.20 -25.76 -23.44
CA CYS E 26 -28.29 -25.32 -22.56
C CYS E 26 -28.05 -25.91 -21.17
N TYR E 27 -27.58 -25.07 -20.26
CA TYR E 27 -27.28 -25.47 -18.89
C TYR E 27 -28.47 -25.12 -18.00
N VAL E 28 -29.11 -26.15 -17.44
CA VAL E 28 -30.21 -25.97 -16.50
C VAL E 28 -29.71 -26.36 -15.12
N SER E 29 -30.01 -25.52 -14.12
CA SER E 29 -29.44 -25.72 -12.79
C SER E 29 -30.38 -25.16 -11.74
N GLY E 30 -30.14 -25.57 -10.49
CA GLY E 30 -30.86 -25.05 -9.35
C GLY E 30 -32.29 -25.50 -9.21
N PHE E 31 -32.67 -26.60 -9.86
CA PHE E 31 -34.04 -27.06 -9.89
C PHE E 31 -34.25 -28.30 -9.03
N HIS E 32 -35.52 -28.54 -8.70
CA HIS E 32 -36.03 -29.67 -7.94
C HIS E 32 -37.52 -29.83 -8.19
N PRO E 33 -38.01 -31.03 -8.46
CA PRO E 33 -37.27 -32.32 -8.52
C PRO E 33 -36.48 -32.51 -9.81
N SER E 34 -35.99 -33.73 -10.06
CA SER E 34 -35.02 -33.97 -11.12
C SER E 34 -35.66 -34.13 -12.48
N ASP E 35 -36.94 -34.46 -12.53
CA ASP E 35 -37.66 -34.70 -13.77
C ASP E 35 -37.72 -33.40 -14.57
N ILE E 36 -37.06 -33.36 -15.74
CA ILE E 36 -37.00 -32.13 -16.52
C ILE E 36 -36.94 -32.49 -18.00
N GLU E 37 -37.54 -31.63 -18.82
CA GLU E 37 -37.58 -31.79 -20.27
C GLU E 37 -36.85 -30.61 -20.88
N VAL E 38 -35.73 -30.86 -21.55
CA VAL E 38 -34.91 -29.80 -22.15
C VAL E 38 -34.71 -30.12 -23.61
N ASP E 39 -35.15 -29.21 -24.48
CA ASP E 39 -34.99 -29.37 -25.92
C ASP E 39 -34.36 -28.11 -26.51
N LEU E 40 -33.33 -28.31 -27.32
CA LEU E 40 -32.70 -27.25 -28.07
C LEU E 40 -33.51 -26.99 -29.33
N LEU E 41 -33.71 -25.71 -29.66
CA LEU E 41 -34.64 -25.31 -30.71
C LEU E 41 -33.89 -24.59 -31.81
N LYS E 42 -34.21 -24.92 -33.06
CA LYS E 42 -33.69 -24.20 -34.23
C LYS E 42 -34.86 -23.55 -34.95
N ASN E 43 -34.96 -22.22 -34.85
CA ASN E 43 -36.06 -21.46 -35.43
C ASN E 43 -37.41 -22.00 -34.97
N GLY E 44 -37.45 -22.53 -33.74
CA GLY E 44 -38.66 -23.05 -33.14
C GLY E 44 -38.85 -24.54 -33.30
N GLU E 45 -37.96 -25.22 -34.04
CA GLU E 45 -38.10 -26.64 -34.32
C GLU E 45 -37.15 -27.44 -33.45
N ARG E 46 -37.69 -28.53 -32.89
CA ARG E 46 -36.90 -29.38 -31.97
C ARG E 46 -35.71 -30.02 -32.68
N ILE E 47 -34.52 -29.80 -32.14
CA ILE E 47 -33.32 -30.45 -32.64
C ILE E 47 -33.28 -31.90 -32.17
N GLU E 48 -32.96 -32.80 -33.09
CA GLU E 48 -33.08 -34.24 -32.85
C GLU E 48 -32.03 -34.90 -31.97
N LYS E 49 -30.80 -34.97 -32.46
CA LYS E 49 -29.71 -35.58 -31.69
C LYS E 49 -29.18 -34.55 -30.71
N VAL E 50 -29.58 -34.70 -29.46
CA VAL E 50 -29.18 -33.80 -28.37
C VAL E 50 -28.65 -34.68 -27.25
N GLU E 51 -27.35 -34.58 -26.98
CA GLU E 51 -26.78 -35.35 -25.89
C GLU E 51 -26.82 -34.52 -24.61
N HIS E 52 -26.72 -35.20 -23.48
CA HIS E 52 -26.80 -34.49 -22.21
C HIS E 52 -25.97 -35.19 -21.15
N SER E 53 -25.58 -34.41 -20.14
CA SER E 53 -24.74 -34.91 -19.06
C SER E 53 -25.53 -35.81 -18.12
N ASP E 54 -24.79 -36.55 -17.29
CA ASP E 54 -25.37 -37.39 -16.26
C ASP E 54 -25.93 -36.52 -15.13
N LEU E 55 -27.03 -36.98 -14.54
CA LEU E 55 -27.66 -36.19 -13.48
C LEU E 55 -26.73 -36.03 -12.30
N SER E 56 -26.56 -34.78 -11.86
CA SER E 56 -25.76 -34.45 -10.68
C SER E 56 -26.39 -33.23 -10.02
N PHE E 57 -25.85 -32.88 -8.85
CA PHE E 57 -26.41 -31.77 -8.09
C PHE E 57 -25.29 -31.01 -7.38
N SER E 58 -25.64 -29.80 -6.91
CA SER E 58 -24.71 -28.90 -6.27
C SER E 58 -24.76 -29.11 -4.74
N LYS E 59 -24.07 -28.23 -4.01
CA LYS E 59 -23.96 -28.40 -2.56
C LYS E 59 -25.30 -28.24 -1.86
N ASP E 60 -26.16 -27.36 -2.36
CA ASP E 60 -27.46 -27.15 -1.73
C ASP E 60 -28.49 -28.18 -2.16
N TRP E 61 -28.03 -29.27 -2.77
CA TRP E 61 -28.81 -30.42 -3.24
C TRP E 61 -29.57 -30.12 -4.53
N SER E 62 -29.47 -28.91 -5.08
CA SER E 62 -30.16 -28.58 -6.31
C SER E 62 -29.45 -29.21 -7.51
N PHE E 63 -30.22 -29.65 -8.49
CA PHE E 63 -29.71 -30.41 -9.61
C PHE E 63 -29.22 -29.51 -10.74
N TYR E 64 -28.31 -30.04 -11.55
CA TYR E 64 -27.86 -29.38 -12.76
C TYR E 64 -27.65 -30.40 -13.86
N LEU E 65 -27.98 -29.99 -15.09
CA LEU E 65 -27.87 -30.83 -16.27
C LEU E 65 -27.34 -29.99 -17.42
N LEU E 66 -26.53 -30.59 -18.28
CA LEU E 66 -25.99 -29.94 -19.47
C LEU E 66 -26.55 -30.61 -20.73
N TYR E 67 -27.30 -29.86 -21.52
CA TYR E 67 -27.75 -30.32 -22.83
C TYR E 67 -26.96 -29.58 -23.90
N TYR E 68 -26.42 -30.33 -24.86
CA TYR E 68 -25.54 -29.75 -25.86
C TYR E 68 -25.70 -30.46 -27.20
N THR E 69 -25.50 -29.70 -28.28
CA THR E 69 -25.45 -30.21 -29.64
C THR E 69 -24.39 -29.46 -30.44
N GLU E 70 -23.67 -30.22 -31.26
CA GLU E 70 -22.73 -29.62 -32.20
C GLU E 70 -23.51 -28.78 -33.21
N PHE E 71 -23.06 -27.56 -33.45
CA PHE E 71 -23.80 -26.71 -34.37
C PHE E 71 -22.87 -25.69 -35.02
N THR E 72 -23.32 -25.20 -36.18
CA THR E 72 -22.68 -24.09 -36.90
C THR E 72 -23.61 -22.89 -36.97
N PRO E 73 -23.33 -21.77 -36.25
CA PRO E 73 -24.23 -20.62 -36.24
C PRO E 73 -24.34 -19.87 -37.56
N THR E 74 -25.48 -19.21 -37.76
CA THR E 74 -25.73 -18.48 -39.03
C THR E 74 -26.23 -17.09 -38.70
N GLU E 75 -26.13 -16.16 -39.65
CA GLU E 75 -26.53 -14.75 -39.40
C GLU E 75 -28.00 -14.64 -38.98
N LYS E 76 -28.92 -15.38 -39.61
CA LYS E 76 -30.36 -15.18 -39.29
C LYS E 76 -30.93 -16.35 -38.48
N ASP E 77 -30.32 -17.53 -38.54
CA ASP E 77 -30.90 -18.70 -37.84
C ASP E 77 -31.04 -18.38 -36.35
N GLU E 78 -32.25 -18.51 -35.79
CA GLU E 78 -32.46 -18.27 -34.39
C GLU E 78 -32.32 -19.60 -33.66
N TYR E 79 -31.70 -19.52 -32.49
CA TYR E 79 -31.54 -20.74 -31.66
C TYR E 79 -32.15 -20.42 -30.31
N ALA E 80 -32.42 -21.45 -29.52
CA ALA E 80 -33.11 -21.27 -28.26
C ALA E 80 -33.07 -22.58 -27.49
N CYS E 81 -33.56 -22.53 -26.26
CA CYS E 81 -33.69 -23.70 -25.41
C CYS E 81 -35.10 -23.72 -24.84
N ARG E 82 -35.77 -24.86 -24.94
CA ARG E 82 -37.11 -25.03 -24.39
C ARG E 82 -37.04 -26.01 -23.23
N VAL E 83 -37.54 -25.57 -22.09
CA VAL E 83 -37.47 -26.33 -20.84
C VAL E 83 -38.86 -26.41 -20.24
N ASN E 84 -39.31 -27.64 -19.95
CA ASN E 84 -40.51 -27.88 -19.17
C ASN E 84 -40.12 -28.56 -17.86
N HIS E 85 -40.79 -28.15 -16.79
CA HIS E 85 -40.52 -28.65 -15.47
C HIS E 85 -41.83 -28.63 -14.71
N VAL E 86 -41.86 -29.35 -13.57
CA VAL E 86 -43.08 -29.38 -12.77
C VAL E 86 -43.40 -27.97 -12.31
N THR E 87 -42.38 -27.13 -12.13
CA THR E 87 -42.60 -25.75 -11.73
C THR E 87 -43.13 -24.86 -12.85
N LEU E 88 -43.16 -25.35 -14.09
CA LEU E 88 -43.55 -24.52 -15.22
C LEU E 88 -44.90 -25.00 -15.77
N SER E 89 -45.85 -24.07 -15.87
CA SER E 89 -47.17 -24.43 -16.38
C SER E 89 -47.13 -24.81 -17.86
N GLN E 90 -46.34 -24.09 -18.64
CA GLN E 90 -46.10 -24.40 -20.05
C GLN E 90 -44.63 -24.20 -20.35
N PRO E 91 -44.10 -24.88 -21.36
CA PRO E 91 -42.67 -24.77 -21.68
C PRO E 91 -42.20 -23.32 -21.80
N LYS E 92 -41.05 -23.06 -21.19
CA LYS E 92 -40.38 -21.75 -21.28
C LYS E 92 -39.35 -21.80 -22.38
N ILE E 93 -39.36 -20.78 -23.24
CA ILE E 93 -38.43 -20.70 -24.35
C ILE E 93 -37.53 -19.51 -24.09
N VAL E 94 -36.25 -19.78 -23.85
CA VAL E 94 -35.23 -18.75 -23.69
C VAL E 94 -34.44 -18.66 -24.98
N LYS E 95 -34.29 -17.44 -25.50
CA LYS E 95 -33.64 -17.24 -26.78
C LYS E 95 -32.14 -17.12 -26.58
N TRP E 96 -31.39 -17.84 -27.42
CA TRP E 96 -29.95 -17.70 -27.40
C TRP E 96 -29.55 -16.30 -27.79
N ASP E 97 -28.64 -15.72 -27.02
CA ASP E 97 -28.10 -14.40 -27.28
C ASP E 97 -26.61 -14.57 -27.47
N ARG E 98 -26.07 -14.08 -28.59
CA ARG E 98 -24.71 -14.37 -28.98
C ARG E 98 -23.79 -13.17 -28.87
N ASP E 99 -24.34 -11.97 -28.81
CA ASP E 99 -23.59 -10.77 -28.45
C ASP E 99 -23.92 -10.33 -27.04
N MET E 100 -23.81 -11.26 -26.10
CA MET E 100 -24.01 -10.96 -24.69
C MET E 100 -22.80 -10.21 -24.15
N ASN F 1 -12.74 -45.00 -6.24
CA ASN F 1 -13.17 -46.05 -5.34
C ASN F 1 -14.44 -45.68 -4.58
N TYR F 2 -15.53 -46.36 -4.90
CA TYR F 2 -16.81 -46.14 -4.25
C TYR F 2 -16.74 -46.56 -2.79
N ASN F 3 -17.77 -46.15 -2.03
CA ASN F 3 -17.90 -46.60 -0.66
C ASN F 3 -18.54 -47.99 -0.66
N TYR F 4 -18.22 -48.77 0.36
CA TYR F 4 -18.77 -50.12 0.48
C TYR F 4 -19.60 -50.35 1.73
N LEU F 5 -19.81 -49.34 2.57
CA LEU F 5 -20.63 -49.48 3.77
C LEU F 5 -21.77 -48.48 3.67
N PHE F 6 -22.99 -49.00 3.53
CA PHE F 6 -24.19 -48.19 3.39
C PHE F 6 -25.24 -48.68 4.37
N ARG F 7 -25.84 -47.76 5.11
CA ARG F 7 -26.69 -48.14 6.22
C ARG F 7 -28.14 -47.76 5.94
N LEU F 8 -29.03 -48.39 6.69
CA LEU F 8 -30.46 -48.12 6.57
C LEU F 8 -30.90 -47.05 7.56
N PHE F 9 -31.99 -46.39 7.23
CA PHE F 9 -32.53 -45.30 8.03
C PHE F 9 -33.31 -45.81 9.22
N VAL G 2 16.14 2.84 4.80
CA VAL G 2 15.85 2.34 3.46
C VAL G 2 16.42 3.28 2.40
N ASP G 3 16.48 4.58 2.73
CA ASP G 3 17.10 5.57 1.85
C ASP G 3 18.59 5.31 1.64
N GLY G 4 19.26 4.62 2.55
CA GLY G 4 20.69 4.43 2.49
C GLY G 4 21.51 5.58 3.00
N SER G 5 20.89 6.58 3.62
CA SER G 5 21.61 7.70 4.20
C SER G 5 22.27 7.30 5.51
N HIS G 6 23.35 7.99 5.84
CA HIS G 6 24.05 7.79 7.09
C HIS G 6 24.11 9.13 7.84
N SER G 7 24.20 9.03 9.16
CA SER G 7 24.12 10.20 10.02
C SER G 7 25.21 10.13 11.08
N MET G 8 25.81 11.28 11.39
CA MET G 8 26.67 11.39 12.54
C MET G 8 26.12 12.48 13.44
N ARG G 9 25.96 12.17 14.72
CA ARG G 9 25.35 13.09 15.68
C ARG G 9 26.23 13.22 16.92
N TYR G 10 26.37 14.44 17.42
CA TYR G 10 27.00 14.71 18.70
C TYR G 10 26.01 15.41 19.61
N PHE G 11 25.74 14.82 20.78
CA PHE G 11 24.82 15.36 21.77
C PHE G 11 25.61 15.80 22.99
N SER G 12 25.34 17.00 23.49
CA SER G 12 26.02 17.53 24.67
C SER G 12 25.01 18.09 25.65
N THR G 13 25.23 17.82 26.94
CA THR G 13 24.39 18.33 28.00
C THR G 13 25.26 19.00 29.05
N SER G 14 24.89 20.22 29.43
CA SER G 14 25.56 20.95 30.51
C SER G 14 24.52 21.32 31.55
N VAL G 15 24.75 20.89 32.79
CA VAL G 15 23.82 21.13 33.89
C VAL G 15 24.54 21.97 34.92
N SER G 16 24.02 23.18 35.17
CA SER G 16 24.63 24.07 36.14
C SER G 16 24.43 23.56 37.56
N ARG G 17 25.47 23.70 38.39
CA ARG G 17 25.45 23.30 39.79
C ARG G 17 25.83 24.50 40.65
N PRO G 18 24.87 25.38 40.93
CA PRO G 18 25.16 26.61 41.67
C PRO G 18 25.76 26.35 43.04
N GLY G 19 26.82 27.09 43.36
CA GLY G 19 27.47 27.00 44.64
C GLY G 19 28.34 25.78 44.85
N ARG G 20 28.17 24.77 43.99
CA ARG G 20 28.91 23.50 44.16
C ARG G 20 30.00 23.39 43.08
N GLY G 21 30.24 24.48 42.34
CA GLY G 21 31.34 24.46 41.37
C GLY G 21 30.88 24.51 39.92
N GLU G 22 31.82 24.29 38.99
CA GLU G 22 31.54 24.33 37.54
C GLU G 22 30.44 23.33 37.15
N PRO G 23 29.75 23.56 36.02
CA PRO G 23 28.69 22.67 35.59
C PRO G 23 29.12 21.31 35.06
N ARG G 24 28.22 20.33 35.17
CA ARG G 24 28.51 18.97 34.65
C ARG G 24 28.32 18.95 33.13
N PHE G 25 29.31 18.44 32.40
CA PHE G 25 29.24 18.39 30.95
C PHE G 25 29.38 16.96 30.48
N ILE G 26 28.38 16.47 29.76
CA ILE G 26 28.40 15.15 29.15
C ILE G 26 28.13 15.32 27.67
N ALA G 27 28.99 14.72 26.84
CA ALA G 27 28.83 14.73 25.39
C ALA G 27 29.00 13.31 24.87
N VAL G 28 28.10 12.89 23.99
CA VAL G 28 28.13 11.54 23.42
C VAL G 28 28.06 11.65 21.91
N GLY G 29 28.75 10.74 21.24
CA GLY G 29 28.83 10.74 19.78
C GLY G 29 28.22 9.49 19.18
N TYR G 30 27.43 9.69 18.12
CA TYR G 30 26.71 8.61 17.45
C TYR G 30 26.98 8.62 15.95
N VAL G 31 27.17 7.43 15.40
CA VAL G 31 27.06 7.20 13.96
C VAL G 31 25.84 6.30 13.76
N ASP G 32 24.81 6.84 13.12
CA ASP G 32 23.51 6.16 12.97
C ASP G 32 23.00 5.86 14.38
N ASP G 33 22.78 4.60 14.75
CA ASP G 33 22.29 4.25 16.08
C ASP G 33 23.37 3.60 16.94
N THR G 34 24.64 3.83 16.63
CA THR G 34 25.75 3.24 17.36
C THR G 34 26.58 4.36 18.00
N GLN G 35 26.59 4.40 19.33
CA GLN G 35 27.44 5.33 20.05
C GLN G 35 28.89 4.89 19.96
N PHE G 36 29.81 5.85 19.80
CA PHE G 36 31.22 5.52 19.65
C PHE G 36 32.17 6.33 20.53
N VAL G 37 31.78 7.50 21.04
CA VAL G 37 32.63 8.30 21.91
C VAL G 37 31.82 8.84 23.08
N ARG G 38 32.54 9.37 24.07
CA ARG G 38 31.93 10.01 25.23
C ARG G 38 32.91 11.01 25.81
N PHE G 39 32.37 11.96 26.58
CA PHE G 39 33.20 12.82 27.42
C PHE G 39 32.41 13.26 28.63
N ASP G 40 32.94 12.98 29.82
CA ASP G 40 32.35 13.41 31.08
C ASP G 40 33.35 14.32 31.79
N SER G 41 32.95 15.56 32.04
CA SER G 41 33.83 16.48 32.76
C SER G 41 34.13 15.98 34.16
N ASP G 42 33.22 15.19 34.75
CA ASP G 42 33.46 14.61 36.06
C ASP G 42 34.39 13.41 36.02
N ALA G 43 34.63 12.85 34.84
CA ALA G 43 35.46 11.64 34.77
C ALA G 43 36.92 11.99 35.03
N ALA G 44 37.64 11.00 35.57
CA ALA G 44 39.04 11.22 35.95
C ALA G 44 39.93 11.27 34.72
N SER G 45 39.56 10.56 33.65
CA SER G 45 40.39 10.54 32.46
C SER G 45 40.57 11.94 31.89
N GLN G 46 39.53 12.78 31.97
CA GLN G 46 39.55 14.10 31.34
C GLN G 46 39.94 13.99 29.88
N ARG G 47 39.42 12.97 29.21
CA ARG G 47 39.78 12.67 27.84
C ARG G 47 38.57 12.15 27.11
N MET G 48 38.53 12.40 25.80
CA MET G 48 37.51 11.77 24.98
C MET G 48 37.69 10.26 25.03
N GLU G 49 36.62 9.56 25.34
CA GLU G 49 36.87 8.14 25.54
C GLU G 49 36.19 7.33 24.46
N PRO G 50 36.80 6.22 24.05
CA PRO G 50 36.17 5.36 23.05
C PRO G 50 35.01 4.59 23.66
N ARG G 51 34.01 4.33 22.83
CA ARG G 51 32.83 3.58 23.26
C ARG G 51 32.38 2.56 22.23
N ALA G 52 33.14 2.36 21.16
CA ALA G 52 32.86 1.37 20.14
C ALA G 52 34.18 0.71 19.75
N PRO G 53 34.16 -0.59 19.47
CA PRO G 53 35.43 -1.31 19.25
C PRO G 53 36.26 -0.78 18.10
N TRP G 54 35.63 -0.19 17.08
CA TRP G 54 36.36 0.25 15.90
C TRP G 54 36.96 1.63 16.02
N ILE G 55 36.60 2.41 17.04
CA ILE G 55 37.19 3.73 17.20
C ILE G 55 38.47 3.70 18.03
N GLU G 56 38.70 2.62 18.80
CA GLU G 56 39.92 2.51 19.58
C GLU G 56 41.15 2.39 18.69
N GLN G 57 40.97 2.03 17.42
CA GLN G 57 42.09 1.92 16.50
C GLN G 57 42.72 3.26 16.15
N GLU G 58 42.16 4.37 16.63
CA GLU G 58 42.75 5.66 16.36
C GLU G 58 43.99 5.90 17.23
N GLY G 59 44.86 6.77 16.74
CA GLY G 59 46.06 7.16 17.43
C GLY G 59 45.80 8.17 18.51
N PRO G 60 46.83 8.45 19.32
CA PRO G 60 46.70 9.52 20.31
C PRO G 60 46.62 10.92 19.71
N GLU G 61 47.00 11.14 18.44
CA GLU G 61 46.73 12.44 17.84
C GLU G 61 45.23 12.69 17.70
N TYR G 62 44.46 11.64 17.38
CA TYR G 62 43.02 11.78 17.34
C TYR G 62 42.47 12.09 18.72
N TRP G 63 42.83 11.27 19.71
CA TRP G 63 42.29 11.41 21.06
C TRP G 63 42.73 12.69 21.75
N ASP G 64 43.91 13.22 21.41
CA ASP G 64 44.34 14.46 22.02
C ASP G 64 43.47 15.63 21.59
N GLU G 65 43.22 15.70 20.29
CA GLU G 65 42.52 16.84 19.75
C GLU G 65 41.00 16.76 19.96
N GLU G 66 40.43 15.57 19.87
CA GLU G 66 39.01 15.41 20.17
C GLU G 66 38.71 15.86 21.60
N THR G 67 39.61 15.53 22.52
CA THR G 67 39.52 16.07 23.87
C THR G 67 39.67 17.58 23.84
N GLY G 68 40.54 18.10 22.96
CA GLY G 68 40.75 19.53 22.86
C GLY G 68 39.54 20.29 22.34
N LYS G 69 38.75 19.68 21.47
CA LYS G 69 37.55 20.36 21.00
C LYS G 69 36.40 20.22 22.00
N VAL G 70 36.29 19.06 22.65
CA VAL G 70 35.16 18.84 23.54
C VAL G 70 35.32 19.60 24.86
N LYS G 71 36.54 19.75 25.38
CA LYS G 71 36.69 20.57 26.59
C LYS G 71 36.46 22.05 26.28
N ALA G 72 36.89 22.49 25.10
CA ALA G 72 36.59 23.86 24.68
C ALA G 72 35.08 24.08 24.65
N HIS G 73 34.34 23.09 24.17
CA HIS G 73 32.88 23.17 24.17
C HIS G 73 32.34 23.32 25.59
N SER G 74 32.83 22.47 26.50
CA SER G 74 32.37 22.52 27.89
C SER G 74 32.60 23.90 28.50
N GLN G 75 33.73 24.53 28.17
CA GLN G 75 34.00 25.87 28.69
C GLN G 75 33.10 26.90 28.04
N THR G 76 32.70 26.67 26.78
CA THR G 76 31.78 27.59 26.11
C THR G 76 30.36 27.50 26.68
N ASP G 77 29.85 26.28 26.89
CA ASP G 77 28.48 26.14 27.39
C ASP G 77 28.37 26.56 28.84
N ARG G 78 29.49 26.67 29.52
CA ARG G 78 29.51 27.24 30.86
C ARG G 78 29.27 28.75 30.82
N GLU G 79 29.97 29.43 29.91
CA GLU G 79 29.81 30.86 29.78
C GLU G 79 28.43 31.18 29.23
N ASN G 80 27.90 30.28 28.39
CA ASN G 80 26.57 30.45 27.83
C ASN G 80 25.49 30.29 28.91
N LEU G 81 25.70 29.38 29.87
CA LEU G 81 24.72 29.21 30.93
C LEU G 81 24.52 30.48 31.74
N ARG G 82 25.60 31.20 32.03
CA ARG G 82 25.44 32.45 32.77
C ARG G 82 24.93 33.56 31.89
N ILE G 83 25.28 33.53 30.60
CA ILE G 83 24.67 34.44 29.64
C ILE G 83 23.17 34.17 29.55
N ALA G 84 22.78 32.89 29.63
CA ALA G 84 21.36 32.56 29.64
C ALA G 84 20.67 33.12 30.88
N LEU G 85 21.30 33.01 32.05
CA LEU G 85 20.74 33.61 33.26
C LEU G 85 20.58 35.12 33.11
N ARG G 86 21.55 35.78 32.46
CA ARG G 86 21.43 37.22 32.27
C ARG G 86 20.32 37.55 31.27
N TYR G 87 20.20 36.77 30.19
CA TYR G 87 19.17 37.02 29.19
C TYR G 87 17.78 36.81 29.79
N TYR G 88 17.64 35.85 30.70
CA TYR G 88 16.35 35.48 31.27
C TYR G 88 16.12 36.03 32.68
N ASN G 89 17.05 36.80 33.25
CA ASN G 89 16.89 37.33 34.60
C ASN G 89 16.61 36.18 35.55
N GLN G 90 17.54 35.23 35.61
CA GLN G 90 17.39 34.14 36.57
C GLN G 90 18.47 34.25 37.63
N SER G 91 18.19 33.63 38.76
CA SER G 91 19.06 33.79 39.91
C SER G 91 20.23 32.84 39.76
N GLU G 92 21.28 33.12 40.53
CA GLU G 92 22.50 32.34 40.50
C GLU G 92 22.40 31.07 41.31
N ALA G 93 21.25 30.84 41.95
CA ALA G 93 21.02 29.65 42.78
C ALA G 93 20.29 28.53 42.04
N GLY G 94 19.72 28.82 40.87
CA GLY G 94 18.96 27.83 40.14
C GLY G 94 19.84 26.99 39.23
N SER G 95 19.56 25.69 39.21
CA SER G 95 20.20 24.78 38.27
C SER G 95 19.48 24.84 36.93
N HIS G 96 20.24 24.95 35.85
CA HIS G 96 19.69 25.08 34.51
C HIS G 96 20.41 24.14 33.56
N THR G 97 19.80 23.90 32.41
CA THR G 97 20.29 22.92 31.45
C THR G 97 20.48 23.59 30.10
N LEU G 98 21.65 23.35 29.49
CA LEU G 98 21.92 23.77 28.12
C LEU G 98 22.30 22.55 27.30
N GLN G 99 21.57 22.32 26.21
CA GLN G 99 21.79 21.18 25.34
C GLN G 99 22.13 21.64 23.94
N MET G 100 23.04 20.92 23.30
CA MET G 100 23.43 21.15 21.91
C MET G 100 23.45 19.84 21.16
N MET G 101 23.01 19.88 19.90
CA MET G 101 23.10 18.76 18.98
C MET G 101 23.69 19.27 17.67
N PHE G 102 24.70 18.58 17.16
CA PHE G 102 25.26 18.92 15.86
C PHE G 102 25.72 17.66 15.15
N GLY G 103 25.83 17.76 13.83
CA GLY G 103 26.23 16.63 13.04
C GLY G 103 25.81 16.83 11.59
N CYS G 104 25.99 15.77 10.80
CA CYS G 104 25.72 15.82 9.37
C CYS G 104 25.11 14.50 8.92
N ASP G 105 24.52 14.55 7.73
CA ASP G 105 23.95 13.34 7.12
C ASP G 105 24.57 13.21 5.73
N VAL G 106 24.95 11.99 5.34
CA VAL G 106 25.51 11.74 4.02
C VAL G 106 24.67 10.67 3.33
N GLY G 107 24.81 10.59 2.01
CA GLY G 107 24.11 9.60 1.24
C GLY G 107 24.94 8.34 1.10
N SER G 108 24.38 7.37 0.34
CA SER G 108 25.07 6.10 0.17
C SER G 108 26.43 6.27 -0.50
N ASP G 109 26.56 7.22 -1.41
CA ASP G 109 27.84 7.53 -2.02
C ASP G 109 28.73 8.39 -1.12
N GLY G 110 28.22 8.86 0.00
CA GLY G 110 29.00 9.65 0.92
C GLY G 110 28.99 11.14 0.66
N ARG G 111 27.98 11.65 -0.04
CA ARG G 111 27.91 13.06 -0.35
C ARG G 111 27.09 13.80 0.70
N PHE G 112 27.44 15.06 0.94
CA PHE G 112 26.73 15.86 1.98
C PHE G 112 25.26 15.99 1.61
N LEU G 113 24.38 15.75 2.58
CA LEU G 113 22.93 15.91 2.35
C LEU G 113 22.37 17.01 3.26
N ARG G 114 22.38 16.80 4.59
CA ARG G 114 21.81 17.79 5.54
C ARG G 114 22.84 18.16 6.62
N GLY G 115 22.56 19.21 7.39
CA GLY G 115 23.48 19.66 8.46
C GLY G 115 22.70 20.04 9.71
N TYR G 116 23.34 20.01 10.88
CA TYR G 116 22.63 20.28 12.12
C TYR G 116 23.52 21.04 13.10
N HIS G 117 22.90 22.00 13.79
CA HIS G 117 23.60 22.83 14.78
C HIS G 117 22.56 23.55 15.64
N GLN G 118 22.04 22.88 16.65
CA GLN G 118 20.90 23.38 17.41
C GLN G 118 21.22 23.41 18.89
N TYR G 119 20.53 24.31 19.60
CA TYR G 119 20.71 24.51 21.03
C TYR G 119 19.35 24.45 21.72
N ALA G 120 19.35 24.02 22.98
CA ALA G 120 18.15 24.05 23.79
C ALA G 120 18.50 24.51 25.20
N TYR G 121 17.67 25.38 25.76
CA TYR G 121 17.82 25.85 27.12
C TYR G 121 16.65 25.37 27.95
N ASP G 122 16.93 24.54 28.96
CA ASP G 122 15.91 24.02 29.88
C ASP G 122 14.83 23.24 29.14
N GLY G 123 15.23 22.51 28.10
CA GLY G 123 14.32 21.63 27.40
C GLY G 123 13.47 22.26 26.33
N LYS G 124 13.78 23.49 25.91
CA LYS G 124 13.06 24.15 24.84
C LYS G 124 14.03 24.69 23.82
N ASP G 125 13.61 24.69 22.55
CA ASP G 125 14.45 25.21 21.48
C ASP G 125 14.96 26.59 21.85
N TYR G 126 16.27 26.81 21.68
CA TYR G 126 16.83 28.14 21.85
C TYR G 126 17.08 28.76 20.47
N ILE G 127 18.13 28.28 19.81
CA ILE G 127 18.50 28.71 18.47
C ILE G 127 18.85 27.46 17.67
N ALA G 128 18.60 27.52 16.37
CA ALA G 128 18.93 26.42 15.48
C ALA G 128 19.42 26.99 14.16
N LEU G 129 20.40 26.31 13.57
CA LEU G 129 20.79 26.62 12.19
C LEU G 129 19.74 26.07 11.25
N LYS G 130 19.27 26.90 10.33
CA LYS G 130 18.25 26.41 9.41
C LYS G 130 18.87 25.46 8.40
N GLU G 131 18.00 24.78 7.66
CA GLU G 131 18.45 23.72 6.76
C GLU G 131 19.30 24.25 5.61
N ASP G 132 19.10 25.52 5.23
CA ASP G 132 19.94 26.12 4.20
C ASP G 132 21.35 26.45 4.69
N LEU G 133 21.66 26.27 5.98
CA LEU G 133 23.00 26.51 6.53
C LEU G 133 23.45 27.96 6.35
N ARG G 134 22.50 28.90 6.31
CA ARG G 134 22.82 30.31 6.15
C ARG G 134 22.02 31.23 7.07
N SER G 135 20.85 30.84 7.54
CA SER G 135 19.98 31.64 8.38
C SER G 135 19.67 30.88 9.67
N TRP G 136 19.15 31.61 10.65
CA TRP G 136 18.93 31.08 11.99
C TRP G 136 17.47 31.16 12.38
N THR G 137 17.05 30.20 13.21
CA THR G 137 15.72 30.18 13.80
C THR G 137 15.87 30.45 15.29
N ALA G 138 15.45 31.64 15.71
CA ALA G 138 15.51 32.04 17.12
C ALA G 138 14.14 31.83 17.75
N ALA G 139 14.11 31.14 18.89
CA ALA G 139 12.84 30.69 19.46
C ALA G 139 12.17 31.76 20.32
N ASP G 140 12.90 32.70 20.89
CA ASP G 140 12.30 33.78 21.66
C ASP G 140 13.20 35.01 21.55
N MET G 141 12.76 36.10 22.18
CA MET G 141 13.50 37.36 22.10
C MET G 141 14.88 37.26 22.75
N ALA G 142 15.08 36.32 23.68
CA ALA G 142 16.42 36.07 24.18
C ALA G 142 17.32 35.50 23.09
N ALA G 143 16.83 34.48 22.38
CA ALA G 143 17.59 33.92 21.26
C ALA G 143 17.70 34.90 20.09
N GLN G 144 16.78 35.85 19.98
CA GLN G 144 16.91 36.89 18.95
C GLN G 144 18.15 37.74 19.18
N ILE G 145 18.52 37.96 20.44
CA ILE G 145 19.77 38.67 20.72
C ILE G 145 20.95 37.84 20.25
N THR G 146 20.90 36.52 20.45
CA THR G 146 21.98 35.67 19.98
C THR G 146 21.97 35.59 18.45
N LYS G 147 20.78 35.54 17.84
CA LYS G 147 20.70 35.51 16.38
C LYS G 147 21.26 36.80 15.79
N ARG G 148 20.94 37.94 16.41
CA ARG G 148 21.52 39.21 15.98
C ARG G 148 23.04 39.17 16.03
N LYS G 149 23.60 38.61 17.13
CA LYS G 149 25.05 38.49 17.24
C LYS G 149 25.64 37.57 16.17
N TRP G 150 25.06 36.38 16.01
CA TRP G 150 25.64 35.40 15.12
C TRP G 150 25.50 35.77 13.65
N GLU G 151 24.52 36.60 13.30
CA GLU G 151 24.45 37.11 11.94
C GLU G 151 25.50 38.18 11.70
N ALA G 152 25.75 39.04 12.69
CA ALA G 152 26.77 40.07 12.53
C ALA G 152 28.16 39.47 12.43
N ALA G 153 28.45 38.44 13.22
CA ALA G 153 29.75 37.78 13.21
C ALA G 153 29.89 36.74 12.11
N HIS G 154 28.83 36.49 11.32
CA HIS G 154 28.85 35.50 10.24
C HIS G 154 29.22 34.12 10.75
N VAL G 155 28.55 33.70 11.83
CA VAL G 155 28.80 32.38 12.41
C VAL G 155 28.32 31.27 11.48
N ALA G 156 27.25 31.51 10.72
CA ALA G 156 26.66 30.46 9.90
C ALA G 156 27.64 29.93 8.85
N GLU G 157 28.30 30.83 8.12
CA GLU G 157 29.26 30.38 7.10
C GLU G 157 30.41 29.62 7.74
N GLN G 158 30.95 30.14 8.85
CA GLN G 158 32.08 29.46 9.49
C GLN G 158 31.69 28.07 9.98
N GLN G 159 30.43 27.89 10.38
CA GLN G 159 29.98 26.56 10.76
C GLN G 159 29.87 25.67 9.54
N ARG G 160 29.29 26.20 8.46
CA ARG G 160 29.05 25.44 7.24
C ARG G 160 30.31 24.72 6.76
N ALA G 161 31.47 25.32 7.00
CA ALA G 161 32.74 24.68 6.66
C ALA G 161 32.87 23.34 7.37
N TYR G 162 32.59 23.31 8.68
CA TYR G 162 32.64 22.05 9.42
C TYR G 162 31.63 21.06 8.86
N LEU G 163 30.38 21.50 8.72
CA LEU G 163 29.31 20.57 8.36
C LEU G 163 29.55 19.93 7.00
N GLU G 164 29.99 20.72 6.03
CA GLU G 164 30.29 20.18 4.71
C GLU G 164 31.69 19.58 4.63
N GLY G 165 32.54 19.84 5.62
CA GLY G 165 33.93 19.42 5.56
C GLY G 165 34.35 18.40 6.59
N THR G 166 34.83 18.87 7.74
CA THR G 166 35.33 17.96 8.78
C THR G 166 34.27 16.92 9.18
N CYS G 167 32.99 17.31 9.16
CA CYS G 167 31.95 16.38 9.58
C CYS G 167 31.83 15.22 8.60
N VAL G 168 31.73 15.53 7.30
CA VAL G 168 31.57 14.47 6.31
C VAL G 168 32.85 13.64 6.22
N ASP G 169 34.02 14.28 6.35
CA ASP G 169 35.27 13.53 6.34
C ASP G 169 35.31 12.51 7.46
N GLY G 170 34.77 12.89 8.62
CA GLY G 170 34.76 11.98 9.77
C GLY G 170 33.79 10.83 9.59
N LEU G 171 32.54 11.13 9.23
CA LEU G 171 31.51 10.07 9.15
C LEU G 171 31.97 9.04 8.12
N ARG G 172 32.45 9.51 6.97
CA ARG G 172 32.95 8.59 5.93
C ARG G 172 34.15 7.82 6.51
N ARG G 173 34.99 8.51 7.30
CA ARG G 173 36.13 7.86 7.92
C ARG G 173 35.71 6.80 8.92
N TYR G 174 34.72 7.10 9.76
CA TYR G 174 34.21 6.10 10.69
C TYR G 174 33.45 4.99 9.98
N LEU G 175 32.74 5.31 8.90
CA LEU G 175 32.01 4.28 8.16
C LEU G 175 32.98 3.27 7.53
N GLU G 176 34.12 3.75 7.04
CA GLU G 176 35.15 2.85 6.53
C GLU G 176 35.78 2.05 7.66
N ASN G 177 36.17 2.73 8.74
CA ASN G 177 36.88 2.04 9.82
C ASN G 177 35.96 1.08 10.57
N GLY G 178 34.67 1.41 10.67
CA GLY G 178 33.68 0.57 11.33
C GLY G 178 32.83 -0.18 10.32
N LYS G 179 33.41 -0.46 9.15
CA LYS G 179 32.69 -1.06 8.03
C LYS G 179 31.82 -2.26 8.43
N GLU G 180 32.39 -3.20 9.19
CA GLU G 180 31.66 -4.41 9.56
C GLU G 180 30.46 -4.12 10.46
N THR G 181 30.51 -3.08 11.28
CA THR G 181 29.44 -2.79 12.24
C THR G 181 28.55 -1.64 11.81
N LEU G 182 29.12 -0.58 11.24
CA LEU G 182 28.30 0.57 10.90
C LEU G 182 27.50 0.30 9.64
N GLN G 183 28.13 -0.32 8.64
CA GLN G 183 27.48 -0.66 7.38
C GLN G 183 26.77 -2.00 7.45
N ARG G 184 26.07 -2.32 8.54
CA ARG G 184 25.39 -3.60 8.63
C ARG G 184 23.92 -3.35 8.96
N THR G 185 23.09 -4.36 8.67
CA THR G 185 21.71 -4.39 9.11
C THR G 185 21.41 -5.79 9.63
N ASP G 186 20.61 -5.86 10.68
CA ASP G 186 20.23 -7.14 11.25
C ASP G 186 18.73 -7.33 11.11
N PRO G 187 18.25 -8.30 10.32
CA PRO G 187 16.81 -8.52 10.23
C PRO G 187 16.27 -8.94 11.57
N PRO G 188 15.05 -8.53 11.91
CA PRO G 188 14.48 -8.93 13.19
C PRO G 188 14.13 -10.41 13.20
N LYS G 189 14.33 -11.02 14.36
CA LYS G 189 13.90 -12.39 14.61
C LYS G 189 12.52 -12.30 15.27
N THR G 190 11.50 -12.68 14.52
CA THR G 190 10.11 -12.45 14.90
C THR G 190 9.44 -13.71 15.43
N HIS G 191 8.52 -13.52 16.37
CA HIS G 191 7.72 -14.60 16.93
C HIS G 191 6.50 -13.99 17.60
N MET G 192 5.50 -14.84 17.84
CA MET G 192 4.22 -14.39 18.39
C MET G 192 3.84 -15.26 19.58
N THR G 193 3.14 -14.64 20.53
CA THR G 193 2.73 -15.30 21.76
C THR G 193 1.23 -15.12 21.95
N HIS G 194 0.68 -15.94 22.85
CA HIS G 194 -0.75 -15.95 23.13
C HIS G 194 -0.94 -15.93 24.64
N HIS G 195 -1.87 -15.11 25.10
CA HIS G 195 -2.11 -14.99 26.54
C HIS G 195 -3.60 -14.91 26.77
N PRO G 196 -4.23 -15.96 27.30
CA PRO G 196 -5.66 -15.87 27.64
C PRO G 196 -5.91 -15.00 28.86
N ILE G 197 -5.68 -13.69 28.75
CA ILE G 197 -5.79 -12.81 29.91
C ILE G 197 -7.19 -12.74 30.48
N SER G 198 -8.20 -13.20 29.74
CA SER G 198 -9.58 -13.22 30.23
C SER G 198 -10.30 -14.41 29.60
N ASP G 199 -11.57 -14.55 29.95
CA ASP G 199 -12.40 -15.60 29.37
C ASP G 199 -13.06 -15.15 28.07
N HIS G 200 -13.41 -13.88 27.95
CA HIS G 200 -13.94 -13.34 26.70
C HIS G 200 -12.86 -13.13 25.64
N GLU G 201 -11.60 -12.98 26.04
CA GLU G 201 -10.60 -12.44 25.14
C GLU G 201 -9.23 -13.05 25.42
N ALA G 202 -8.31 -12.70 24.53
CA ALA G 202 -6.91 -13.14 24.67
C ALA G 202 -6.03 -12.00 24.19
N THR G 203 -4.72 -12.17 24.27
CA THR G 203 -3.77 -11.14 23.84
C THR G 203 -2.75 -11.77 22.91
N LEU G 204 -2.69 -11.26 21.67
CA LEU G 204 -1.66 -11.65 20.71
C LEU G 204 -0.59 -10.58 20.69
N ARG G 205 0.64 -10.97 21.01
CA ARG G 205 1.75 -10.03 21.11
C ARG G 205 2.82 -10.41 20.08
N CYS G 206 3.09 -9.50 19.15
CA CYS G 206 4.07 -9.72 18.10
C CYS G 206 5.42 -9.17 18.54
N TRP G 207 6.48 -9.95 18.33
CA TRP G 207 7.81 -9.60 18.83
C TRP G 207 8.78 -9.43 17.66
N ALA G 208 9.58 -8.37 17.72
CA ALA G 208 10.72 -8.18 16.81
C ALA G 208 11.97 -7.96 17.66
N LEU G 209 12.97 -8.84 17.50
CA LEU G 209 14.11 -8.83 18.39
C LEU G 209 15.41 -8.84 17.60
N GLY G 210 16.46 -8.26 18.17
CA GLY G 210 17.80 -8.36 17.63
C GLY G 210 18.04 -7.69 16.28
N PHE G 211 17.39 -6.55 16.03
CA PHE G 211 17.50 -5.86 14.76
C PHE G 211 18.29 -4.57 14.89
N TYR G 212 19.00 -4.21 13.81
CA TYR G 212 19.76 -2.98 13.70
C TYR G 212 19.62 -2.51 12.25
N PRO G 213 19.35 -1.22 12.01
CA PRO G 213 19.16 -0.11 12.97
C PRO G 213 17.83 -0.19 13.70
N ALA G 214 17.47 0.85 14.46
CA ALA G 214 16.29 0.80 15.31
C ALA G 214 15.00 1.11 14.58
N GLU G 215 15.05 1.68 13.37
CA GLU G 215 13.84 1.93 12.61
C GLU G 215 13.11 0.64 12.28
N ILE G 216 11.86 0.56 12.76
CA ILE G 216 10.99 -0.59 12.57
C ILE G 216 9.54 -0.13 12.64
N THR G 217 8.68 -0.83 11.91
CA THR G 217 7.23 -0.59 11.95
C THR G 217 6.54 -1.93 12.13
N LEU G 218 5.70 -2.03 13.16
CA LEU G 218 4.93 -3.23 13.47
C LEU G 218 3.45 -2.92 13.30
N THR G 219 2.77 -3.71 12.47
CA THR G 219 1.37 -3.47 12.13
C THR G 219 0.51 -4.67 12.50
N TRP G 220 -0.72 -4.40 12.94
CA TRP G 220 -1.74 -5.42 13.16
C TRP G 220 -2.90 -5.20 12.19
N GLN G 221 -3.29 -6.28 11.52
CA GLN G 221 -4.40 -6.27 10.57
C GLN G 221 -5.37 -7.39 10.92
N ARG G 222 -6.66 -7.05 11.03
CA ARG G 222 -7.73 -8.02 11.24
C ARG G 222 -8.49 -8.14 9.92
N ASP G 223 -8.43 -9.33 9.31
CA ASP G 223 -9.08 -9.58 8.02
C ASP G 223 -8.58 -8.61 6.94
N GLY G 224 -7.28 -8.30 7.00
CA GLY G 224 -6.70 -7.40 6.02
C GLY G 224 -6.99 -5.94 6.26
N GLU G 225 -7.46 -5.58 7.45
CA GLU G 225 -7.86 -4.21 7.76
C GLU G 225 -7.04 -3.69 8.94
N ASP G 226 -6.49 -2.49 8.79
CA ASP G 226 -5.66 -1.89 9.83
C ASP G 226 -6.42 -1.81 11.16
N GLN G 227 -5.77 -2.26 12.23
CA GLN G 227 -6.38 -2.39 13.56
C GLN G 227 -5.73 -1.44 14.57
N THR G 228 -6.29 -0.25 14.73
CA THR G 228 -5.78 0.71 15.72
C THR G 228 -6.36 0.51 17.12
N GLN G 229 -7.62 0.06 17.23
CA GLN G 229 -8.29 -0.03 18.53
C GLN G 229 -7.90 -1.29 19.28
N ASP G 230 -7.85 -1.17 20.62
CA ASP G 230 -7.50 -2.32 21.49
C ASP G 230 -6.07 -2.77 21.20
N THR G 231 -5.27 -1.92 20.56
CA THR G 231 -3.91 -2.33 20.20
C THR G 231 -2.91 -1.62 21.07
N GLU G 232 -1.91 -2.36 21.55
CA GLU G 232 -0.85 -1.74 22.38
C GLU G 232 0.49 -1.82 21.65
N LEU G 233 1.20 -0.71 21.58
CA LEU G 233 2.50 -0.68 20.93
C LEU G 233 3.48 0.01 21.86
N VAL G 234 4.55 -0.69 22.25
CA VAL G 234 5.55 -0.06 23.09
C VAL G 234 6.65 0.50 22.19
N GLU G 235 7.30 1.56 22.67
CA GLU G 235 8.36 2.21 21.92
C GLU G 235 9.58 1.29 21.80
N THR G 236 10.28 1.41 20.67
CA THR G 236 11.51 0.66 20.45
C THR G 236 12.52 0.91 21.56
N ARG G 237 13.11 -0.17 22.06
CA ARG G 237 14.01 -0.18 23.20
C ARG G 237 15.33 -0.85 22.87
N PRO G 238 16.42 -0.41 23.48
CA PRO G 238 17.70 -1.08 23.29
C PRO G 238 17.83 -2.31 24.18
N ALA G 239 18.51 -3.32 23.65
CA ALA G 239 18.76 -4.54 24.41
C ALA G 239 20.09 -4.52 25.16
N GLY G 240 21.01 -3.65 24.76
CA GLY G 240 22.31 -3.55 25.39
C GLY G 240 23.43 -4.19 24.60
N ASP G 241 23.12 -4.94 23.55
CA ASP G 241 24.10 -5.65 22.74
C ASP G 241 24.31 -5.02 21.38
N GLY G 242 23.79 -3.81 21.16
CA GLY G 242 23.86 -3.15 19.87
C GLY G 242 22.62 -3.32 19.03
N THR G 243 21.68 -4.15 19.47
CA THR G 243 20.43 -4.39 18.78
C THR G 243 19.26 -3.79 19.56
N PHE G 244 18.09 -3.79 18.93
CA PHE G 244 16.91 -3.15 19.49
C PHE G 244 15.75 -4.13 19.50
N GLN G 245 14.66 -3.74 20.17
CA GLN G 245 13.51 -4.60 20.38
C GLN G 245 12.23 -3.79 20.31
N LYS G 246 11.16 -4.44 19.85
CA LYS G 246 9.84 -3.83 19.82
C LYS G 246 8.77 -4.91 19.76
N TRP G 247 7.62 -4.61 20.37
CA TRP G 247 6.48 -5.52 20.31
C TRP G 247 5.18 -4.73 20.18
N ALA G 248 4.18 -5.41 19.61
CA ALA G 248 2.85 -4.88 19.38
C ALA G 248 1.84 -5.93 19.79
N ALA G 249 0.74 -5.50 20.40
CA ALA G 249 -0.24 -6.42 20.95
C ALA G 249 -1.64 -6.07 20.47
N VAL G 250 -2.51 -7.07 20.48
CA VAL G 250 -3.92 -6.92 20.15
C VAL G 250 -4.73 -7.73 21.14
N VAL G 251 -5.73 -7.11 21.74
CA VAL G 251 -6.73 -7.84 22.52
C VAL G 251 -7.77 -8.37 21.54
N VAL G 252 -7.86 -9.69 21.44
CA VAL G 252 -8.70 -10.33 20.43
C VAL G 252 -9.86 -11.02 21.11
N PRO G 253 -10.95 -11.34 20.39
CA PRO G 253 -12.02 -12.16 20.97
C PRO G 253 -11.63 -13.62 21.04
N SER G 254 -11.98 -14.27 22.16
CA SER G 254 -11.70 -15.67 22.39
C SER G 254 -12.26 -16.55 21.27
N GLY G 255 -11.41 -17.18 20.49
CA GLY G 255 -12.06 -17.86 19.38
C GLY G 255 -11.52 -17.45 18.03
N GLU G 256 -11.61 -16.17 17.67
CA GLU G 256 -11.22 -15.77 16.28
C GLU G 256 -9.80 -15.20 16.26
N GLU G 257 -8.83 -15.89 16.85
CA GLU G 257 -7.41 -15.44 16.83
C GLU G 257 -6.83 -15.75 15.44
N GLN G 258 -7.57 -16.53 14.66
CA GLN G 258 -7.10 -16.87 13.29
C GLN G 258 -7.15 -15.61 12.44
N ARG G 259 -8.15 -14.75 12.65
CA ARG G 259 -8.28 -13.59 11.76
C ARG G 259 -7.17 -12.55 11.84
N TYR G 260 -6.27 -12.57 12.82
CA TYR G 260 -5.32 -11.47 13.01
C TYR G 260 -3.93 -11.80 12.44
N THR G 261 -3.30 -10.78 11.83
CA THR G 261 -1.97 -10.91 11.22
C THR G 261 -1.08 -9.73 11.59
N CYS G 262 0.17 -10.04 11.93
CA CYS G 262 1.17 -9.04 12.31
C CYS G 262 2.15 -8.82 11.15
N HIS G 263 2.44 -7.55 10.86
CA HIS G 263 3.28 -7.18 9.73
C HIS G 263 4.51 -6.45 10.24
N VAL G 264 5.69 -6.91 9.81
CA VAL G 264 6.97 -6.44 10.31
C VAL G 264 7.76 -5.90 9.13
N GLN G 265 8.15 -4.63 9.22
CA GLN G 265 8.97 -3.98 8.21
C GLN G 265 10.26 -3.47 8.83
N HIS G 266 11.38 -3.74 8.17
CA HIS G 266 12.70 -3.33 8.64
C HIS G 266 13.65 -3.45 7.47
N GLU G 267 14.53 -2.47 7.32
CA GLU G 267 15.39 -2.36 6.15
C GLU G 267 16.35 -3.54 5.99
N GLY G 268 16.42 -4.43 6.97
CA GLY G 268 17.18 -5.65 6.83
C GLY G 268 16.40 -6.82 6.26
N LEU G 269 15.09 -6.65 6.02
CA LEU G 269 14.23 -7.70 5.48
C LEU G 269 14.14 -7.55 3.96
N PRO G 270 14.36 -8.63 3.21
CA PRO G 270 14.22 -8.51 1.74
C PRO G 270 12.85 -8.04 1.30
N LYS G 271 11.80 -8.61 1.86
CA LYS G 271 10.41 -8.20 1.68
C LYS G 271 9.76 -8.20 3.06
N PRO G 272 8.77 -7.33 3.26
CA PRO G 272 8.06 -7.33 4.54
C PRO G 272 7.49 -8.70 4.89
N LEU G 273 7.73 -9.11 6.14
CA LEU G 273 7.31 -10.41 6.63
C LEU G 273 5.93 -10.30 7.27
N THR G 274 5.11 -11.33 7.08
CA THR G 274 3.77 -11.39 7.66
C THR G 274 3.69 -12.59 8.59
N LEU G 275 3.27 -12.36 9.83
CA LEU G 275 3.22 -13.40 10.84
C LEU G 275 1.78 -13.71 11.24
N ARG G 276 1.49 -15.00 11.37
CA ARG G 276 0.16 -15.48 11.71
C ARG G 276 0.24 -16.43 12.91
N TRP G 277 -0.82 -16.42 13.71
CA TRP G 277 -0.94 -17.32 14.84
C TRP G 277 -1.25 -18.73 14.34
N ILE H 2 10.02 22.92 30.84
CA ILE H 2 9.39 21.67 30.47
C ILE H 2 9.47 20.62 31.58
N GLN H 3 8.34 19.95 31.80
CA GLN H 3 8.19 18.90 32.80
C GLN H 3 7.79 17.63 32.07
N ARG H 4 8.78 16.82 31.67
CA ARG H 4 8.51 15.63 30.90
C ARG H 4 8.69 14.45 31.83
N THR H 5 7.67 13.61 31.93
CA THR H 5 7.64 12.45 32.81
C THR H 5 8.32 11.26 32.15
N PRO H 6 9.07 10.49 32.95
CA PRO H 6 9.83 9.38 32.38
C PRO H 6 8.94 8.25 31.90
N LYS H 7 9.28 7.70 30.74
CA LYS H 7 8.69 6.48 30.23
C LYS H 7 9.56 5.32 30.69
N ILE H 8 9.00 4.39 31.45
CA ILE H 8 9.81 3.32 32.05
C ILE H 8 9.39 1.98 31.45
N GLN H 9 10.38 1.20 31.05
CA GLN H 9 10.18 -0.14 30.50
C GLN H 9 11.25 -1.03 31.12
N VAL H 10 10.85 -1.95 31.99
CA VAL H 10 11.76 -2.93 32.55
C VAL H 10 11.57 -4.22 31.78
N TYR H 11 12.66 -4.83 31.35
CA TYR H 11 12.56 -5.97 30.46
C TYR H 11 13.86 -6.78 30.50
N SER H 12 13.77 -8.02 30.03
CA SER H 12 14.93 -8.89 29.93
C SER H 12 15.56 -8.73 28.55
N ARG H 13 16.88 -8.85 28.49
CA ARG H 13 17.55 -8.74 27.20
C ARG H 13 17.20 -9.91 26.31
N HIS H 14 17.58 -11.11 26.73
CA HIS H 14 17.18 -12.33 26.02
C HIS H 14 15.88 -12.87 26.60
N PRO H 15 15.21 -13.79 25.92
CA PRO H 15 13.97 -14.36 26.48
C PRO H 15 14.25 -15.09 27.78
N ALA H 16 13.45 -14.79 28.80
CA ALA H 16 13.72 -15.30 30.14
C ALA H 16 13.84 -16.81 30.14
N GLU H 17 14.90 -17.31 30.79
CA GLU H 17 15.14 -18.77 30.88
C GLU H 17 15.77 -19.10 32.23
N ASN H 18 14.92 -19.31 33.23
CA ASN H 18 15.35 -19.57 34.59
C ASN H 18 16.55 -20.49 34.72
N GLY H 19 17.55 -20.01 35.46
CA GLY H 19 18.80 -20.70 35.65
C GLY H 19 19.86 -20.25 34.68
N LYS H 20 19.49 -19.59 33.56
CA LYS H 20 20.48 -19.08 32.63
C LYS H 20 20.63 -17.59 32.88
N SER H 21 21.84 -17.16 33.18
CA SER H 21 22.12 -15.75 33.43
C SER H 21 21.74 -14.92 32.21
N ASN H 22 21.24 -13.72 32.46
CA ASN H 22 20.76 -12.83 31.41
C ASN H 22 21.04 -11.40 31.87
N PHE H 23 20.34 -10.42 31.30
CA PHE H 23 20.52 -9.02 31.66
C PHE H 23 19.16 -8.37 31.86
N LEU H 24 18.95 -7.82 33.05
CA LEU H 24 17.75 -7.08 33.38
C LEU H 24 17.94 -5.62 32.98
N ASN H 25 16.99 -5.08 32.23
CA ASN H 25 17.10 -3.74 31.69
C ASN H 25 15.98 -2.86 32.23
N CYS H 26 16.30 -1.60 32.48
CA CYS H 26 15.33 -0.57 32.84
C CYS H 26 15.61 0.62 31.94
N TYR H 27 14.79 0.79 30.90
CA TYR H 27 14.98 1.86 29.93
C TYR H 27 14.05 3.02 30.29
N VAL H 28 14.64 4.16 30.64
CA VAL H 28 13.91 5.38 30.95
C VAL H 28 14.14 6.38 29.81
N SER H 29 13.06 7.02 29.38
CA SER H 29 13.13 7.90 28.22
C SER H 29 12.07 8.99 28.34
N GLY H 30 12.24 10.04 27.55
CA GLY H 30 11.24 11.09 27.48
C GLY H 30 11.12 11.98 28.70
N PHE H 31 12.15 12.03 29.54
CA PHE H 31 12.13 12.79 30.77
C PHE H 31 13.03 14.01 30.66
N HIS H 32 12.76 15.01 31.52
CA HIS H 32 13.54 16.24 31.53
C HIS H 32 13.32 16.97 32.86
N PRO H 33 14.38 17.44 33.53
CA PRO H 33 15.80 17.36 33.15
C PRO H 33 16.41 15.99 33.43
N SER H 34 17.74 15.89 33.35
CA SER H 34 18.40 14.59 33.30
C SER H 34 18.66 13.96 34.66
N ASP H 35 18.68 14.72 35.76
CA ASP H 35 18.96 14.11 37.05
C ASP H 35 17.85 13.12 37.41
N ILE H 36 18.21 11.84 37.51
CA ILE H 36 17.24 10.78 37.75
C ILE H 36 17.92 9.72 38.62
N GLU H 37 17.13 9.09 39.49
CA GLU H 37 17.62 7.98 40.31
C GLU H 37 16.84 6.73 39.93
N VAL H 38 17.56 5.73 39.43
CA VAL H 38 16.98 4.50 38.92
C VAL H 38 17.65 3.34 39.64
N ASP H 39 16.86 2.50 40.31
CA ASP H 39 17.38 1.36 41.07
C ASP H 39 16.70 0.07 40.63
N LEU H 40 17.51 -0.94 40.30
CA LEU H 40 17.00 -2.28 40.03
C LEU H 40 16.85 -3.07 41.32
N LEU H 41 15.70 -3.74 41.49
CA LEU H 41 15.33 -4.38 42.74
C LEU H 41 15.12 -5.88 42.58
N LYS H 42 15.60 -6.61 43.59
CA LYS H 42 15.38 -8.08 43.67
C LYS H 42 14.71 -8.32 45.03
N ASN H 43 13.40 -8.56 45.02
CA ASN H 43 12.62 -8.76 46.24
C ASN H 43 12.72 -7.57 47.19
N GLY H 44 12.90 -6.37 46.64
CA GLY H 44 12.95 -5.16 47.43
C GLY H 44 14.33 -4.66 47.81
N GLU H 45 15.40 -5.40 47.48
CA GLU H 45 16.74 -4.97 47.85
C GLU H 45 17.45 -4.43 46.61
N ARG H 46 18.09 -3.28 46.74
CA ARG H 46 18.86 -2.69 45.63
C ARG H 46 19.92 -3.67 45.16
N ILE H 47 20.02 -3.84 43.84
CA ILE H 47 21.04 -4.73 43.28
C ILE H 47 22.41 -4.08 43.39
N GLU H 48 23.39 -4.90 43.81
CA GLU H 48 24.71 -4.40 44.16
C GLU H 48 25.52 -3.99 42.93
N LYS H 49 25.01 -4.26 41.73
CA LYS H 49 25.69 -3.95 40.48
C LYS H 49 24.65 -3.41 39.50
N VAL H 50 24.61 -2.09 39.33
CA VAL H 50 23.72 -1.41 38.39
C VAL H 50 24.54 -0.43 37.57
N GLU H 51 24.76 -0.77 36.30
CA GLU H 51 25.38 0.15 35.37
C GLU H 51 24.34 0.77 34.44
N HIS H 52 24.75 1.84 33.78
CA HIS H 52 23.87 2.59 32.91
C HIS H 52 24.67 3.17 31.76
N SER H 53 23.97 3.43 30.66
CA SER H 53 24.59 4.01 29.48
C SER H 53 24.89 5.48 29.73
N ASP H 54 25.67 6.08 28.84
CA ASP H 54 25.93 7.51 28.94
C ASP H 54 24.68 8.29 28.54
N LEU H 55 24.47 9.41 29.23
CA LEU H 55 23.27 10.21 29.00
C LEU H 55 23.24 10.75 27.58
N SER H 56 22.09 10.60 26.93
CA SER H 56 21.86 11.14 25.59
C SER H 56 20.41 11.57 25.52
N PHE H 57 20.02 12.21 24.42
CA PHE H 57 18.66 12.71 24.32
C PHE H 57 18.13 12.53 22.90
N SER H 58 16.81 12.67 22.78
CA SER H 58 16.10 12.43 21.54
C SER H 58 15.97 13.72 20.74
N LYS H 59 15.22 13.67 19.65
CA LYS H 59 15.08 14.82 18.78
C LYS H 59 14.30 15.95 19.46
N ASP H 60 13.37 15.60 20.36
CA ASP H 60 12.60 16.56 21.13
C ASP H 60 13.31 17.04 22.40
N TRP H 61 14.62 16.76 22.51
CA TRP H 61 15.53 17.16 23.59
C TRP H 61 15.33 16.36 24.88
N SER H 62 14.39 15.43 24.94
CA SER H 62 14.19 14.64 26.14
C SER H 62 15.26 13.54 26.25
N PHE H 63 15.64 13.24 27.48
CA PHE H 63 16.75 12.34 27.75
C PHE H 63 16.28 10.89 27.74
N TYR H 64 17.23 9.98 27.52
CA TYR H 64 16.96 8.56 27.65
C TYR H 64 18.18 7.86 28.24
N LEU H 65 17.93 6.88 29.10
CA LEU H 65 18.99 6.09 29.71
C LEU H 65 18.56 4.64 29.79
N LEU H 66 19.54 3.75 29.65
CA LEU H 66 19.32 2.32 29.83
C LEU H 66 20.14 1.87 31.03
N TYR H 67 19.45 1.36 32.04
CA TYR H 67 20.06 0.79 33.23
C TYR H 67 19.96 -0.72 33.13
N TYR H 68 21.07 -1.40 33.40
CA TYR H 68 21.16 -2.83 33.19
C TYR H 68 22.00 -3.45 34.29
N THR H 69 21.64 -4.68 34.65
CA THR H 69 22.39 -5.44 35.62
C THR H 69 22.42 -6.91 35.20
N GLU H 70 23.55 -7.56 35.44
CA GLU H 70 23.59 -9.00 35.28
C GLU H 70 22.62 -9.63 36.26
N PHE H 71 21.81 -10.56 35.77
CA PHE H 71 20.82 -11.18 36.64
C PHE H 71 20.58 -12.61 36.19
N THR H 72 20.18 -13.43 37.15
CA THR H 72 19.78 -14.81 36.90
C THR H 72 18.33 -14.96 37.30
N PRO H 73 17.39 -15.09 36.38
CA PRO H 73 15.99 -15.20 36.79
C PRO H 73 15.75 -16.52 37.50
N THR H 74 14.89 -16.49 38.52
CA THR H 74 14.40 -17.70 39.14
C THR H 74 12.89 -17.56 39.21
N GLU H 75 12.20 -18.70 39.36
CA GLU H 75 10.75 -18.75 39.16
C GLU H 75 9.98 -17.80 40.08
N LYS H 76 10.20 -17.88 41.40
CA LYS H 76 9.26 -17.23 42.32
C LYS H 76 9.62 -15.79 42.70
N ASP H 77 10.88 -15.51 43.02
CA ASP H 77 11.24 -14.18 43.49
C ASP H 77 11.00 -13.13 42.40
N GLU H 78 10.57 -11.94 42.84
CA GLU H 78 10.22 -10.87 41.93
C GLU H 78 11.37 -9.89 41.73
N TYR H 79 11.41 -9.34 40.51
CA TYR H 79 12.44 -8.32 40.16
C TYR H 79 11.68 -7.06 39.76
N ALA H 80 12.35 -5.91 39.72
CA ALA H 80 11.69 -4.63 39.46
C ALA H 80 12.73 -3.54 39.27
N CYS H 81 12.24 -2.36 38.89
CA CYS H 81 13.03 -1.14 38.75
C CYS H 81 12.27 0.00 39.41
N ARG H 82 12.99 0.80 40.22
CA ARG H 82 12.41 1.96 40.90
C ARG H 82 13.02 3.24 40.33
N VAL H 83 12.16 4.17 39.93
CA VAL H 83 12.58 5.42 39.31
C VAL H 83 11.96 6.58 40.06
N ASN H 84 12.78 7.53 40.49
CA ASN H 84 12.28 8.80 41.00
C ASN H 84 12.80 9.93 40.14
N HIS H 85 11.95 10.93 39.90
CA HIS H 85 12.27 12.07 39.05
C HIS H 85 11.56 13.27 39.66
N VAL H 86 11.96 14.46 39.24
CA VAL H 86 11.34 15.67 39.80
C VAL H 86 9.86 15.70 39.50
N THR H 87 9.45 15.13 38.37
CA THR H 87 8.05 15.03 37.97
C THR H 87 7.27 13.98 38.74
N LEU H 88 7.91 13.22 39.62
CA LEU H 88 7.27 12.08 40.26
C LEU H 88 6.96 12.38 41.73
N SER H 89 5.67 12.28 42.08
CA SER H 89 5.25 12.45 43.46
C SER H 89 5.64 11.26 44.31
N GLN H 90 5.61 10.06 43.73
CA GLN H 90 6.01 8.85 44.42
C GLN H 90 6.91 8.02 43.52
N PRO H 91 7.85 7.26 44.10
CA PRO H 91 8.67 6.36 43.29
C PRO H 91 7.78 5.44 42.48
N LYS H 92 8.09 5.30 41.19
CA LYS H 92 7.35 4.39 40.34
C LYS H 92 8.10 3.07 40.21
N ILE H 93 7.38 1.99 40.43
CA ILE H 93 7.89 0.64 40.35
C ILE H 93 7.12 0.00 39.20
N VAL H 94 7.85 -0.48 38.20
CA VAL H 94 7.24 -1.29 37.16
C VAL H 94 7.66 -2.72 37.44
N LYS H 95 6.70 -3.65 37.45
CA LYS H 95 7.02 -5.00 37.87
C LYS H 95 7.66 -5.70 36.67
N TRP H 96 8.77 -6.39 36.93
CA TRP H 96 9.46 -7.03 35.78
C TRP H 96 8.67 -8.25 35.33
N ASP H 97 8.36 -8.28 34.04
CA ASP H 97 7.70 -9.42 33.43
C ASP H 97 8.65 -9.98 32.39
N ARG H 98 8.32 -11.15 31.87
CA ARG H 98 9.17 -11.84 30.92
C ARG H 98 8.54 -11.93 29.55
N ASP H 99 7.24 -11.72 29.46
CA ASP H 99 6.51 -11.48 28.24
C ASP H 99 6.08 -10.02 28.11
N MET H 100 6.30 -9.21 29.14
CA MET H 100 6.00 -7.78 29.17
C MET H 100 4.53 -7.46 28.87
N ASN I 1 34.52 13.31 14.30
CA ASN I 1 35.29 14.51 14.63
C ASN I 1 34.40 15.57 15.25
N TYR I 2 34.72 15.94 16.49
CA TYR I 2 33.97 16.98 17.19
C TYR I 2 34.13 18.30 16.45
N ASN I 3 33.29 19.27 16.80
CA ASN I 3 33.40 20.58 16.18
C ASN I 3 34.50 21.41 16.82
N TYR I 4 35.02 22.35 16.04
CA TYR I 4 36.07 23.25 16.47
C TYR I 4 35.61 24.69 16.54
N LEU I 5 34.33 24.96 16.25
CA LEU I 5 33.77 26.29 16.35
C LEU I 5 32.56 26.24 17.27
N PHE I 6 32.68 26.87 18.43
CA PHE I 6 31.60 26.97 19.41
C PHE I 6 31.55 28.43 19.85
N ARG I 7 30.36 29.01 19.79
CA ARG I 7 30.17 30.44 19.98
C ARG I 7 29.41 30.73 21.27
N LEU I 8 29.52 31.96 21.74
CA LEU I 8 28.82 32.40 22.92
C LEU I 8 27.47 33.01 22.56
N PHE I 9 26.55 32.98 23.52
CA PHE I 9 25.20 33.48 23.30
C PHE I 9 25.16 35.00 23.40
#